data_6W7O
#
_entry.id   6W7O
#
_cell.length_a   37.980
_cell.length_b   56.330
_cell.length_c   98.120
_cell.angle_alpha   104.980
_cell.angle_beta   100.890
_cell.angle_gamma   90.130
#
_symmetry.space_group_name_H-M   'P 1'
#
loop_
_entity.id
_entity.type
_entity.pdbx_description
1 polymer 'Tyrosine-protein kinase BTK'
2 polymer 'Baculoviral IAP repeat-containing protein 2'
3 non-polymer '[5-({[(3S)-2-(N-methyl-L-alanyl-3-methyl-L-valyl)-3-{[(1R)-1,2,3,4-tetrahydronaphthalen-1-yl]carbamoyl}-1,2,3,4-tetrahydroisoquinolin-7-yl]oxy}methyl)pyrazin-2-yl]methyl (3R)-3-{5-amino-4-carbamoyl-3-[4-(2,4-difluorophenoxy)phenyl]-1H-pyrazol-1-yl}piperidine-1-carboxylate'
4 non-polymer 'ZINC ION'
5 water water
#
loop_
_entity_poly.entity_id
_entity_poly.type
_entity_poly.pdbx_seq_one_letter_code
_entity_poly.pdbx_strand_id
1 'polypeptide(L)'
;SAPSTAGLGYGSWEIDPKDLTFLKELGTGQFGVVKYGKWRGQYDVAIKMIKEGSMSEDEFIEEAKVMMNLSHEKLVQLYG
VCTKQRPIFIITEYMANGCLLNYLREMRHRFQTQQLLEMCKDVCEAMEYLESKQFLHRDLAARNCLVNDQGVVKVSDFGL
SRYVLDDEYTSSVGSKFPVRWSPPEVLMYSKFSSKSDIWAFGVLMWEIYSLGKMPYERFTNSETAEHIAQGLRLYRPHLA
SEKVYTIMYSCWHEKADERPTFKILLSNILDVMDEES
;
A,B
2 'polypeptide(L)'
;GSGPGSSISNLSMQTHAARMRTFMYWPSSVPVQPEQLASAGFYYVGRNDDVKCFCCDGGLRCWESGDDPWVEHAKWFPRC
EFLIRMKGQEFVDEIQGRY
;
C,D
#
# COMPACT_ATOMS: atom_id res chain seq x y z
N GLU A 14 -3.18 8.47 48.24
CA GLU A 14 -3.34 7.11 48.74
C GLU A 14 -4.73 6.92 49.33
N ILE A 15 -5.58 6.16 48.63
CA ILE A 15 -6.96 5.87 49.04
C ILE A 15 -6.99 4.61 49.90
N ASP A 16 -7.76 4.66 51.01
CA ASP A 16 -7.90 3.53 51.92
C ASP A 16 -8.88 2.51 51.31
N PRO A 17 -8.46 1.23 51.11
CA PRO A 17 -9.36 0.23 50.50
C PRO A 17 -10.70 0.04 51.20
N LYS A 18 -10.79 0.34 52.50
CA LYS A 18 -12.02 0.28 53.30
C LYS A 18 -13.00 1.38 52.85
N ASP A 19 -12.46 2.51 52.36
CA ASP A 19 -13.23 3.65 51.84
C ASP A 19 -13.57 3.44 50.34
N LEU A 20 -13.78 2.17 49.92
CA LEU A 20 -14.12 1.77 48.56
C LEU A 20 -15.10 0.60 48.53
N THR A 21 -16.06 0.64 47.61
CA THR A 21 -17.06 -0.41 47.39
C THR A 21 -16.86 -0.99 46.00
N PHE A 22 -17.31 -2.23 45.78
CA PHE A 22 -17.21 -2.92 44.49
C PHE A 22 -18.61 -3.44 44.18
N LEU A 23 -19.22 -2.93 43.10
CA LEU A 23 -20.60 -3.27 42.79
C LEU A 23 -20.80 -4.08 41.51
N LYS A 24 -20.07 -3.76 40.43
CA LYS A 24 -20.19 -4.47 39.15
C LYS A 24 -18.87 -4.57 38.41
N GLU A 25 -18.67 -5.68 37.67
CA GLU A 25 -17.46 -5.87 36.86
C GLU A 25 -17.68 -5.20 35.51
N LEU A 26 -16.68 -4.42 35.04
CA LEU A 26 -16.74 -3.69 33.77
C LEU A 26 -16.08 -4.41 32.61
N GLY A 27 -14.91 -5.01 32.85
CA GLY A 27 -14.17 -5.73 31.84
C GLY A 27 -12.85 -6.33 32.29
N THR A 28 -12.13 -6.97 31.33
CA THR A 28 -10.83 -7.60 31.56
C THR A 28 -9.90 -7.29 30.37
N GLY A 29 -9.65 -6.01 30.14
CA GLY A 29 -8.78 -5.53 29.06
C GLY A 29 -7.30 -5.66 29.41
N GLN A 30 -6.54 -4.59 29.15
CA GLN A 30 -5.12 -4.58 29.48
C GLN A 30 -4.96 -4.33 30.99
N PHE A 31 -3.96 -5.01 31.62
CA PHE A 31 -3.56 -4.97 33.04
C PHE A 31 -4.43 -5.85 33.97
N GLY A 32 -5.61 -6.27 33.51
CA GLY A 32 -6.50 -7.10 34.31
C GLY A 32 -7.94 -6.64 34.37
N VAL A 33 -8.59 -6.93 35.52
CA VAL A 33 -10.00 -6.67 35.80
C VAL A 33 -10.26 -5.22 36.25
N VAL A 34 -11.31 -4.59 35.68
CA VAL A 34 -11.75 -3.24 36.01
C VAL A 34 -13.18 -3.35 36.60
N LYS A 35 -13.39 -2.78 37.79
CA LYS A 35 -14.69 -2.82 38.47
C LYS A 35 -15.27 -1.45 38.77
N TYR A 36 -16.61 -1.34 38.75
CA TYR A 36 -17.34 -0.13 39.10
C TYR A 36 -17.66 -0.22 40.60
N GLY A 37 -17.61 0.93 41.27
CA GLY A 37 -17.91 1.03 42.69
C GLY A 37 -18.08 2.45 43.21
N LYS A 38 -18.08 2.58 44.54
CA LYS A 38 -18.21 3.85 45.26
C LYS A 38 -16.93 4.12 46.04
N TRP A 39 -16.61 5.41 46.26
CA TRP A 39 -15.41 5.85 46.96
C TRP A 39 -15.76 6.42 48.37
N ARG A 40 -15.49 7.73 48.63
CA ARG A 40 -15.70 8.41 49.92
C ARG A 40 -17.00 8.02 50.61
N GLY A 41 -18.11 8.21 49.89
CA GLY A 41 -19.45 7.86 50.35
C GLY A 41 -20.31 7.38 49.21
N GLN A 42 -20.49 8.23 48.16
CA GLN A 42 -21.31 7.93 47.00
C GLN A 42 -20.74 8.53 45.68
N TYR A 43 -19.40 8.51 45.55
CA TYR A 43 -18.70 9.00 44.37
C TYR A 43 -18.52 7.86 43.34
N ASP A 44 -18.96 8.09 42.09
CA ASP A 44 -18.85 7.10 41.01
C ASP A 44 -17.39 6.94 40.60
N VAL A 45 -16.85 5.73 40.81
CA VAL A 45 -15.45 5.42 40.49
C VAL A 45 -15.29 4.14 39.69
N ALA A 46 -14.11 4.00 39.06
CA ALA A 46 -13.67 2.81 38.35
C ALA A 46 -12.38 2.36 39.05
N ILE A 47 -12.30 1.07 39.38
CA ILE A 47 -11.16 0.48 40.10
C ILE A 47 -10.45 -0.52 39.19
N LYS A 48 -9.29 -0.12 38.68
CA LYS A 48 -8.44 -0.96 37.83
C LYS A 48 -7.56 -1.80 38.76
N MET A 49 -7.69 -3.12 38.66
CA MET A 49 -6.92 -4.07 39.46
C MET A 49 -5.81 -4.62 38.58
N ILE A 50 -4.55 -4.48 39.04
CA ILE A 50 -3.36 -4.86 38.28
C ILE A 50 -2.97 -6.32 38.55
N LYS A 51 -3.12 -7.17 37.52
CA LYS A 51 -2.79 -8.61 37.51
C LYS A 51 -1.31 -8.79 37.87
N GLU A 52 -1.00 -9.80 38.70
CA GLU A 52 0.36 -10.11 39.16
C GLU A 52 1.30 -10.42 37.99
N GLY A 53 2.44 -9.73 37.95
CA GLY A 53 3.47 -9.90 36.94
C GLY A 53 3.24 -9.20 35.61
N SER A 54 2.26 -8.28 35.56
CA SER A 54 1.94 -7.55 34.33
C SER A 54 2.57 -6.17 34.24
N MET A 55 2.99 -5.61 35.38
CA MET A 55 3.48 -4.24 35.47
C MET A 55 4.74 -4.07 36.29
N SER A 56 5.61 -3.13 35.86
CA SER A 56 6.82 -2.72 36.57
C SER A 56 6.24 -1.80 37.67
N GLU A 57 5.75 -2.45 38.75
CA GLU A 57 5.00 -1.91 39.88
C GLU A 57 5.68 -0.78 40.63
N ASP A 58 6.95 -0.97 41.07
CA ASP A 58 7.70 0.06 41.79
C ASP A 58 7.83 1.34 40.94
N GLU A 59 8.05 1.17 39.62
CA GLU A 59 8.15 2.25 38.64
C GLU A 59 6.81 2.91 38.40
N PHE A 60 5.70 2.13 38.39
CA PHE A 60 4.39 2.74 38.19
C PHE A 60 3.95 3.58 39.39
N ILE A 61 4.21 3.11 40.64
CA ILE A 61 3.83 3.81 41.87
C ILE A 61 4.44 5.22 41.91
N GLU A 62 5.75 5.34 41.54
CA GLU A 62 6.48 6.59 41.49
C GLU A 62 5.91 7.54 40.41
N GLU A 63 5.55 7.00 39.21
CA GLU A 63 4.95 7.78 38.12
C GLU A 63 3.52 8.21 38.43
N ALA A 64 2.79 7.40 39.24
CA ALA A 64 1.42 7.71 39.64
C ALA A 64 1.34 9.09 40.30
N LYS A 65 2.37 9.47 41.08
CA LYS A 65 2.52 10.77 41.76
C LYS A 65 2.59 11.96 40.78
N VAL A 66 3.07 11.71 39.56
CA VAL A 66 3.20 12.69 38.48
C VAL A 66 1.85 12.76 37.76
N MET A 67 1.22 11.58 37.59
CA MET A 67 -0.08 11.39 36.94
C MET A 67 -1.23 12.02 37.73
N MET A 68 -1.15 12.01 39.09
CA MET A 68 -2.13 12.61 40.00
C MET A 68 -2.26 14.12 39.75
N ASN A 69 -1.14 14.77 39.35
CA ASN A 69 -1.08 16.21 39.10
C ASN A 69 -1.63 16.60 37.72
N LEU A 70 -1.85 15.62 36.81
CA LEU A 70 -2.45 15.88 35.50
C LEU A 70 -3.95 16.04 35.73
N SER A 71 -4.48 17.20 35.40
CA SER A 71 -5.89 17.49 35.61
C SER A 71 -6.43 18.27 34.43
N HIS A 72 -7.28 17.62 33.63
CA HIS A 72 -7.94 18.20 32.46
C HIS A 72 -9.27 17.55 32.20
N GLU A 73 -10.22 18.38 31.72
CA GLU A 73 -11.63 18.09 31.37
C GLU A 73 -11.76 16.89 30.42
N LYS A 74 -10.82 16.75 29.46
CA LYS A 74 -10.85 15.68 28.47
C LYS A 74 -9.83 14.57 28.74
N LEU A 75 -9.24 14.57 29.95
CA LEU A 75 -8.27 13.59 30.41
C LEU A 75 -8.91 12.79 31.55
N VAL A 76 -8.88 11.44 31.49
CA VAL A 76 -9.46 10.58 32.54
C VAL A 76 -8.73 10.85 33.86
N GLN A 77 -9.45 11.39 34.84
CA GLN A 77 -8.93 11.78 36.15
C GLN A 77 -8.59 10.60 37.04
N LEU A 78 -7.34 10.59 37.57
CA LEU A 78 -6.82 9.59 38.50
C LEU A 78 -6.98 10.14 39.92
N TYR A 79 -7.99 9.62 40.66
CA TYR A 79 -8.32 10.05 42.02
C TYR A 79 -7.31 9.58 43.06
N GLY A 80 -6.72 8.42 42.84
CA GLY A 80 -5.74 7.84 43.75
C GLY A 80 -5.36 6.40 43.50
N VAL A 81 -4.57 5.84 44.43
CA VAL A 81 -4.07 4.47 44.37
C VAL A 81 -4.15 3.73 45.70
N CYS A 82 -4.14 2.39 45.65
CA CYS A 82 -4.06 1.53 46.81
C CYS A 82 -2.82 0.67 46.53
N THR A 83 -1.69 1.05 47.15
CA THR A 83 -0.39 0.41 46.91
C THR A 83 0.17 -0.32 48.14
N LYS A 84 -0.52 -0.22 49.29
CA LYS A 84 -0.12 -0.86 50.54
C LYS A 84 -0.71 -2.28 50.68
N GLN A 85 -1.00 -2.91 49.53
CA GLN A 85 -1.53 -4.27 49.37
C GLN A 85 -1.42 -4.69 47.90
N ARG A 86 -1.51 -6.00 47.63
CA ARG A 86 -1.47 -6.53 46.26
C ARG A 86 -2.76 -7.32 45.99
N PRO A 87 -3.47 -7.12 44.86
CA PRO A 87 -3.11 -6.26 43.70
C PRO A 87 -3.24 -4.76 43.96
N ILE A 88 -2.52 -3.97 43.16
CA ILE A 88 -2.54 -2.51 43.23
C ILE A 88 -3.85 -2.05 42.62
N PHE A 89 -4.54 -1.13 43.32
CA PHE A 89 -5.79 -0.58 42.79
C PHE A 89 -5.50 0.78 42.19
N ILE A 90 -6.07 1.04 41.00
CA ILE A 90 -5.98 2.30 40.29
C ILE A 90 -7.39 2.89 40.34
N ILE A 91 -7.60 3.96 41.13
CA ILE A 91 -8.91 4.58 41.30
C ILE A 91 -9.06 5.76 40.34
N THR A 92 -10.07 5.70 39.46
CA THR A 92 -10.31 6.74 38.45
C THR A 92 -11.76 7.17 38.31
N GLU A 93 -11.96 8.10 37.38
CA GLU A 93 -13.23 8.67 36.96
C GLU A 93 -14.04 7.56 36.25
N TYR A 94 -15.31 7.41 36.61
CA TYR A 94 -16.17 6.40 36.01
C TYR A 94 -16.69 6.84 34.63
N MET A 95 -16.40 6.04 33.59
CA MET A 95 -16.81 6.29 32.20
C MET A 95 -17.81 5.18 31.78
N ALA A 96 -19.12 5.45 31.99
CA ALA A 96 -20.24 4.54 31.75
C ALA A 96 -20.38 3.96 30.33
N ASN A 97 -19.88 4.66 29.30
CA ASN A 97 -20.01 4.17 27.92
C ASN A 97 -18.78 3.41 27.40
N GLY A 98 -17.80 3.17 28.27
CA GLY A 98 -16.60 2.39 27.98
C GLY A 98 -15.68 2.90 26.88
N CYS A 99 -14.81 1.99 26.35
CA CYS A 99 -13.82 2.32 25.32
C CYS A 99 -14.44 2.89 24.05
N LEU A 100 -13.76 3.88 23.44
CA LEU A 100 -14.23 4.57 22.24
C LEU A 100 -14.42 3.62 21.07
N LEU A 101 -13.50 2.66 20.88
CA LEU A 101 -13.54 1.71 19.78
C LEU A 101 -14.87 0.94 19.70
N ASN A 102 -15.34 0.37 20.82
CA ASN A 102 -16.61 -0.36 20.85
C ASN A 102 -17.78 0.61 20.61
N TYR A 103 -17.68 1.82 21.20
CA TYR A 103 -18.67 2.88 21.08
C TYR A 103 -18.88 3.26 19.60
N LEU A 104 -17.78 3.38 18.82
CA LEU A 104 -17.80 3.67 17.37
C LEU A 104 -18.39 2.52 16.53
N ARG A 105 -18.04 1.27 16.87
CA ARG A 105 -18.47 0.06 16.18
C ARG A 105 -19.97 -0.26 16.34
N GLU A 106 -20.63 0.29 17.37
CA GLU A 106 -22.06 0.08 17.62
C GLU A 106 -22.85 0.98 16.65
N MET A 107 -23.30 0.40 15.54
CA MET A 107 -23.99 1.10 14.45
C MET A 107 -25.32 1.76 14.83
N ARG A 108 -25.96 1.31 15.93
CA ARG A 108 -27.23 1.83 16.44
C ARG A 108 -27.15 3.35 16.73
N HIS A 109 -25.96 3.85 17.10
CA HIS A 109 -25.71 5.25 17.44
C HIS A 109 -26.06 6.23 16.32
N ARG A 110 -25.89 5.80 15.05
CA ARG A 110 -26.20 6.58 13.85
C ARG A 110 -25.57 7.98 13.97
N PHE A 111 -24.25 8.01 14.26
CA PHE A 111 -23.51 9.25 14.48
C PHE A 111 -23.59 10.24 13.33
N GLN A 112 -23.64 11.53 13.69
CA GLN A 112 -23.57 12.64 12.76
C GLN A 112 -22.10 12.89 12.61
N THR A 113 -21.64 13.45 11.47
CA THR A 113 -20.22 13.77 11.29
C THR A 113 -19.77 14.88 12.26
N GLN A 114 -20.74 15.71 12.75
CA GLN A 114 -20.47 16.75 13.75
C GLN A 114 -20.15 16.10 15.10
N GLN A 115 -20.82 14.95 15.42
CA GLN A 115 -20.55 14.18 16.64
C GLN A 115 -19.19 13.54 16.53
N LEU A 116 -18.78 13.12 15.32
CA LEU A 116 -17.47 12.50 15.07
C LEU A 116 -16.35 13.52 15.22
N LEU A 117 -16.62 14.77 14.83
CA LEU A 117 -15.71 15.91 14.96
C LEU A 117 -15.48 16.29 16.42
N GLU A 118 -16.55 16.33 17.25
CA GLU A 118 -16.39 16.66 18.67
C GLU A 118 -15.58 15.60 19.41
N MET A 119 -15.73 14.31 19.02
CA MET A 119 -14.90 13.21 19.58
C MET A 119 -13.40 13.52 19.30
N CYS A 120 -13.08 14.02 18.08
CA CYS A 120 -11.74 14.42 17.64
C CYS A 120 -11.27 15.65 18.43
N LYS A 121 -12.20 16.61 18.67
CA LYS A 121 -11.95 17.86 19.41
C LYS A 121 -11.58 17.53 20.85
N ASP A 122 -12.39 16.66 21.50
CA ASP A 122 -12.19 16.19 22.87
C ASP A 122 -10.80 15.55 23.04
N VAL A 123 -10.41 14.64 22.14
CA VAL A 123 -9.10 13.97 22.18
C VAL A 123 -7.97 14.99 21.96
N CYS A 124 -8.12 15.88 20.97
CA CYS A 124 -7.12 16.91 20.66
C CYS A 124 -6.89 17.89 21.82
N GLU A 125 -7.95 18.24 22.56
CA GLU A 125 -7.85 19.09 23.75
C GLU A 125 -7.07 18.40 24.86
N ALA A 126 -7.32 17.10 25.09
CA ALA A 126 -6.60 16.34 26.13
C ALA A 126 -5.13 16.21 25.75
N MET A 127 -4.86 16.01 24.46
CA MET A 127 -3.52 15.86 23.90
C MET A 127 -2.76 17.18 23.83
N GLU A 128 -3.46 18.32 23.81
CA GLU A 128 -2.84 19.64 23.81
C GLU A 128 -2.36 19.92 25.24
N TYR A 129 -3.20 19.56 26.25
CA TYR A 129 -2.88 19.70 27.66
C TYR A 129 -1.66 18.83 28.02
N LEU A 130 -1.64 17.55 27.55
CA LEU A 130 -0.53 16.63 27.80
C LEU A 130 0.77 17.15 27.17
N GLU A 131 0.70 17.72 25.94
CA GLU A 131 1.85 18.28 25.22
C GLU A 131 2.41 19.51 25.95
N SER A 132 1.53 20.33 26.56
CA SER A 132 1.93 21.53 27.31
C SER A 132 2.60 21.17 28.65
N LYS A 133 2.44 19.90 29.10
CA LYS A 133 3.04 19.38 30.33
C LYS A 133 4.20 18.46 29.99
N GLN A 134 4.54 18.37 28.68
CA GLN A 134 5.60 17.54 28.10
C GLN A 134 5.44 16.04 28.45
N PHE A 135 4.17 15.59 28.58
CA PHE A 135 3.81 14.21 28.86
C PHE A 135 3.41 13.54 27.54
N LEU A 136 3.98 12.35 27.27
CA LEU A 136 3.66 11.59 26.07
C LEU A 136 2.70 10.46 26.40
N HIS A 137 1.76 10.19 25.50
CA HIS A 137 0.83 9.11 25.70
C HIS A 137 1.53 7.79 25.45
N ARG A 138 2.20 7.67 24.30
CA ARG A 138 2.98 6.52 23.81
C ARG A 138 2.11 5.41 23.23
N ASP A 139 0.79 5.39 23.50
CA ASP A 139 -0.12 4.40 22.92
C ASP A 139 -1.52 5.00 22.64
N LEU A 140 -1.56 6.16 21.95
CA LEU A 140 -2.85 6.78 21.63
C LEU A 140 -3.58 5.98 20.54
N ALA A 141 -4.84 5.57 20.83
CA ALA A 141 -5.72 4.78 19.96
C ALA A 141 -7.12 4.76 20.55
N ALA A 142 -8.15 4.49 19.72
CA ALA A 142 -9.55 4.42 20.13
C ALA A 142 -9.82 3.45 21.26
N ARG A 143 -9.08 2.31 21.30
CA ARG A 143 -9.20 1.29 22.36
C ARG A 143 -8.85 1.85 23.74
N ASN A 144 -7.93 2.86 23.79
CA ASN A 144 -7.43 3.50 25.01
C ASN A 144 -8.16 4.79 25.38
N CYS A 145 -9.15 5.21 24.57
CA CYS A 145 -10.00 6.37 24.88
C CYS A 145 -11.28 5.84 25.50
N LEU A 146 -11.91 6.63 26.39
CA LEU A 146 -13.16 6.25 27.07
C LEU A 146 -14.28 7.26 26.81
N VAL A 147 -15.54 6.82 26.94
CA VAL A 147 -16.72 7.65 26.72
C VAL A 147 -17.53 7.69 28.02
N ASN A 148 -17.96 8.89 28.45
CA ASN A 148 -18.74 9.00 29.67
C ASN A 148 -20.25 8.98 29.36
N ASP A 149 -21.08 9.15 30.39
CA ASP A 149 -22.55 9.18 30.31
C ASP A 149 -23.12 10.22 29.33
N GLN A 150 -22.39 11.35 29.13
CA GLN A 150 -22.79 12.49 28.28
C GLN A 150 -22.27 12.42 26.84
N GLY A 151 -21.58 11.34 26.51
CA GLY A 151 -21.04 11.16 25.16
C GLY A 151 -19.67 11.80 24.94
N VAL A 152 -19.11 12.44 25.99
CA VAL A 152 -17.80 13.10 25.97
C VAL A 152 -16.67 12.04 25.95
N VAL A 153 -15.70 12.22 25.04
CA VAL A 153 -14.57 11.31 24.87
C VAL A 153 -13.37 11.81 25.69
N LYS A 154 -12.73 10.90 26.47
CA LYS A 154 -11.57 11.25 27.29
C LYS A 154 -10.39 10.30 27.11
N VAL A 155 -9.20 10.87 27.09
CA VAL A 155 -7.93 10.14 26.95
C VAL A 155 -7.62 9.41 28.27
N SER A 156 -7.32 8.11 28.15
CA SER A 156 -7.03 7.20 29.26
C SER A 156 -5.74 6.41 28.99
N ASP A 157 -5.22 5.72 30.03
CA ASP A 157 -4.01 4.88 30.00
C ASP A 157 -2.76 5.59 29.44
N PHE A 158 -2.68 6.90 29.62
CA PHE A 158 -1.60 7.77 29.16
C PHE A 158 -0.26 7.41 29.83
N GLY A 159 0.72 7.08 28.99
CA GLY A 159 2.08 6.70 29.40
C GLY A 159 2.25 5.34 30.05
N LEU A 160 1.17 4.54 30.14
CA LEU A 160 1.12 3.22 30.80
C LEU A 160 1.96 2.11 30.18
N SER A 161 2.23 2.19 28.85
CA SER A 161 3.01 1.17 28.13
C SER A 161 4.46 1.08 28.64
N ARG A 162 4.92 2.14 29.35
CA ARG A 162 6.26 2.23 29.93
C ARG A 162 6.47 1.20 31.06
N TYR A 163 5.36 0.67 31.59
CA TYR A 163 5.34 -0.24 32.73
C TYR A 163 4.80 -1.64 32.40
N VAL A 164 4.39 -1.88 31.14
CA VAL A 164 3.91 -3.19 30.69
C VAL A 164 5.11 -4.13 30.58
N LEU A 165 5.06 -5.29 31.28
CA LEU A 165 6.14 -6.27 31.27
C LEU A 165 6.02 -7.30 30.11
N ASP A 166 4.82 -7.46 29.52
CA ASP A 166 4.56 -8.36 28.40
C ASP A 166 5.39 -8.02 27.15
N ASP A 167 6.34 -8.92 26.80
CA ASP A 167 7.25 -8.84 25.65
C ASP A 167 6.56 -8.63 24.30
N GLU A 168 5.30 -9.12 24.16
CA GLU A 168 4.51 -8.98 22.94
C GLU A 168 4.11 -7.52 22.68
N TYR A 169 3.86 -6.73 23.74
CA TYR A 169 3.50 -5.30 23.64
C TYR A 169 4.73 -4.39 23.51
N THR A 170 5.89 -4.80 24.03
CA THR A 170 7.13 -4.00 24.04
C THR A 170 7.85 -3.96 22.68
N SER A 171 8.15 -5.13 22.07
CA SER A 171 8.87 -5.20 20.79
C SER A 171 8.04 -4.67 19.61
N SER A 172 8.68 -3.88 18.71
CA SER A 172 8.07 -3.27 17.52
C SER A 172 7.52 -4.30 16.52
N VAL A 173 8.11 -5.51 16.50
CA VAL A 173 7.70 -6.63 15.66
C VAL A 173 6.83 -7.62 16.47
N GLY A 174 6.47 -7.20 17.68
CA GLY A 174 5.66 -7.96 18.62
C GLY A 174 4.24 -8.21 18.19
N SER A 175 3.60 -9.19 18.83
CA SER A 175 2.23 -9.62 18.57
C SER A 175 1.19 -8.61 19.04
N LYS A 176 1.54 -7.76 20.03
CA LYS A 176 0.60 -6.79 20.60
C LYS A 176 1.12 -5.33 20.56
N PHE A 177 2.16 -5.07 19.76
CA PHE A 177 2.72 -3.73 19.60
C PHE A 177 1.74 -2.91 18.75
N PRO A 178 1.49 -1.61 19.06
CA PRO A 178 0.54 -0.83 18.25
C PRO A 178 1.10 -0.36 16.90
N VAL A 179 1.50 -1.33 16.03
CA VAL A 179 2.09 -1.12 14.69
C VAL A 179 1.25 -0.16 13.83
N ARG A 180 -0.07 -0.37 13.75
CA ARG A 180 -1.01 0.44 12.95
C ARG A 180 -1.13 1.90 13.38
N TRP A 181 -0.59 2.26 14.58
CA TRP A 181 -0.63 3.62 15.14
C TRP A 181 0.78 4.20 15.32
N SER A 182 1.78 3.57 14.69
CA SER A 182 3.17 3.97 14.83
C SER A 182 3.74 4.64 13.58
N PRO A 183 4.51 5.74 13.76
CA PRO A 183 5.12 6.40 12.59
C PRO A 183 6.33 5.62 12.06
N PRO A 184 6.85 5.93 10.84
CA PRO A 184 8.03 5.19 10.34
C PRO A 184 9.25 5.16 11.26
N GLU A 185 9.54 6.28 11.94
CA GLU A 185 10.70 6.37 12.83
C GLU A 185 10.56 5.50 14.10
N VAL A 186 9.32 5.20 14.55
CA VAL A 186 9.09 4.32 15.71
C VAL A 186 9.33 2.85 15.29
N LEU A 187 8.73 2.42 14.17
CA LEU A 187 8.88 1.05 13.68
C LEU A 187 10.32 0.73 13.31
N MET A 188 10.98 1.67 12.65
CA MET A 188 12.35 1.48 12.19
C MET A 188 13.41 1.74 13.25
N TYR A 189 13.26 2.80 14.06
CA TYR A 189 14.33 3.13 15.03
C TYR A 189 13.89 3.32 16.47
N SER A 190 12.60 3.08 16.80
CA SER A 190 12.04 3.31 18.15
C SER A 190 12.26 4.79 18.55
N LYS A 191 12.06 5.72 17.58
CA LYS A 191 12.21 7.17 17.77
C LYS A 191 10.87 7.73 18.25
N PHE A 192 10.70 7.80 19.57
CA PHE A 192 9.49 8.32 20.21
C PHE A 192 9.67 9.81 20.51
N SER A 193 8.61 10.60 20.29
CA SER A 193 8.60 12.04 20.50
C SER A 193 7.16 12.51 20.49
N SER A 194 6.93 13.82 20.64
CA SER A 194 5.59 14.42 20.57
C SER A 194 4.98 14.11 19.19
N LYS A 195 5.85 13.95 18.16
CA LYS A 195 5.47 13.66 16.78
C LYS A 195 4.98 12.21 16.58
N SER A 196 5.34 11.28 17.48
CA SER A 196 4.80 9.92 17.38
C SER A 196 3.40 9.89 18.00
N ASP A 197 3.11 10.84 18.92
CA ASP A 197 1.79 11.00 19.54
C ASP A 197 0.87 11.70 18.51
N ILE A 198 1.44 12.59 17.68
CA ILE A 198 0.71 13.31 16.61
C ILE A 198 0.27 12.28 15.56
N TRP A 199 1.19 11.39 15.12
CA TRP A 199 0.90 10.33 14.14
C TRP A 199 -0.30 9.48 14.59
N ALA A 200 -0.20 8.91 15.80
CA ALA A 200 -1.24 8.08 16.42
C ALA A 200 -2.58 8.81 16.48
N PHE A 201 -2.56 10.13 16.74
CA PHE A 201 -3.77 10.96 16.77
C PHE A 201 -4.45 10.99 15.41
N GLY A 202 -3.64 11.10 14.34
CA GLY A 202 -4.13 11.05 12.98
C GLY A 202 -4.81 9.73 12.67
N VAL A 203 -4.24 8.62 13.21
CA VAL A 203 -4.79 7.27 13.05
C VAL A 203 -6.11 7.19 13.84
N LEU A 204 -6.12 7.75 15.07
CA LEU A 204 -7.30 7.81 15.91
C LEU A 204 -8.43 8.62 15.22
N MET A 205 -8.08 9.72 14.51
CA MET A 205 -9.06 10.53 13.77
C MET A 205 -9.68 9.68 12.66
N TRP A 206 -8.84 8.87 11.98
CA TRP A 206 -9.23 7.93 10.93
C TRP A 206 -10.17 6.85 11.47
N GLU A 207 -9.84 6.23 12.64
CA GLU A 207 -10.66 5.22 13.32
C GLU A 207 -12.08 5.77 13.61
N ILE A 208 -12.16 7.04 14.07
CA ILE A 208 -13.41 7.73 14.43
C ILE A 208 -14.30 7.90 13.19
N TYR A 209 -13.74 8.44 12.09
CA TYR A 209 -14.45 8.66 10.83
C TYR A 209 -14.75 7.37 10.06
N SER A 210 -14.13 6.24 10.48
CA SER A 210 -14.31 4.91 9.90
C SER A 210 -15.20 4.04 10.78
N LEU A 211 -15.70 4.62 11.89
CA LEU A 211 -16.58 3.98 12.87
C LEU A 211 -15.97 2.72 13.50
N GLY A 212 -14.69 2.81 13.85
CA GLY A 212 -13.99 1.73 14.51
C GLY A 212 -13.41 0.66 13.61
N LYS A 213 -13.28 0.96 12.30
CA LYS A 213 -12.63 0.04 11.37
C LYS A 213 -11.14 -0.06 11.77
N MET A 214 -10.56 -1.24 11.57
CA MET A 214 -9.15 -1.50 11.84
C MET A 214 -8.34 -0.79 10.75
N PRO A 215 -7.32 0.01 11.13
CA PRO A 215 -6.49 0.66 10.10
C PRO A 215 -5.71 -0.40 9.32
N TYR A 216 -5.59 -0.24 7.97
CA TYR A 216 -4.91 -1.17 7.05
C TYR A 216 -5.42 -2.62 7.26
N GLU A 217 -6.76 -2.79 7.36
CA GLU A 217 -7.43 -4.07 7.64
C GLU A 217 -6.99 -5.22 6.73
N ARG A 218 -6.67 -4.94 5.45
CA ARG A 218 -6.28 -5.99 4.50
C ARG A 218 -4.77 -6.29 4.53
N PHE A 219 -4.04 -5.76 5.53
CA PHE A 219 -2.62 -6.00 5.73
C PHE A 219 -2.32 -6.59 7.10
N THR A 220 -1.25 -7.41 7.19
CA THR A 220 -0.75 -7.96 8.45
C THR A 220 0.08 -6.83 9.09
N ASN A 221 0.57 -7.03 10.33
CA ASN A 221 1.41 -6.03 11.01
C ASN A 221 2.69 -5.77 10.23
N SER A 222 3.31 -6.84 9.67
CA SER A 222 4.56 -6.77 8.89
C SER A 222 4.35 -6.07 7.54
N GLU A 223 3.18 -6.25 6.91
CA GLU A 223 2.83 -5.63 5.63
C GLU A 223 2.58 -4.14 5.81
N THR A 224 1.91 -3.78 6.91
CA THR A 224 1.60 -2.40 7.30
C THR A 224 2.92 -1.62 7.47
N ALA A 225 3.83 -2.20 8.28
CA ALA A 225 5.13 -1.64 8.60
C ALA A 225 5.96 -1.32 7.35
N GLU A 226 6.03 -2.26 6.38
CA GLU A 226 6.78 -2.00 5.14
C GLU A 226 6.09 -1.01 4.20
N HIS A 227 4.74 -1.02 4.13
CA HIS A 227 4.02 -0.12 3.24
C HIS A 227 4.03 1.33 3.70
N ILE A 228 3.88 1.60 5.01
CA ILE A 228 3.91 2.99 5.50
C ILE A 228 5.30 3.60 5.32
N ALA A 229 6.37 2.78 5.47
CA ALA A 229 7.77 3.17 5.28
C ALA A 229 8.05 3.61 3.83
N GLN A 230 7.25 3.08 2.86
CA GLN A 230 7.36 3.43 1.44
C GLN A 230 6.27 4.46 1.04
N GLY A 231 5.65 5.09 2.05
CA GLY A 231 4.69 6.16 1.86
C GLY A 231 3.21 5.82 1.78
N LEU A 232 2.81 4.55 1.98
CA LEU A 232 1.38 4.19 1.95
C LEU A 232 0.68 4.81 3.16
N ARG A 233 -0.46 5.50 2.91
CA ARG A 233 -1.24 6.15 3.95
C ARG A 233 -2.70 5.68 3.96
N LEU A 234 -3.38 5.86 5.10
CA LEU A 234 -4.78 5.51 5.26
C LEU A 234 -5.64 6.38 4.35
N TYR A 235 -6.52 5.75 3.56
CA TYR A 235 -7.39 6.44 2.60
C TYR A 235 -8.40 7.34 3.31
N ARG A 236 -9.01 8.29 2.57
CA ARG A 236 -10.01 9.17 3.16
C ARG A 236 -11.29 8.41 3.56
N PRO A 237 -11.64 8.33 4.88
CA PRO A 237 -12.89 7.65 5.27
C PRO A 237 -14.08 8.34 4.62
N HIS A 238 -15.08 7.57 4.18
CA HIS A 238 -16.29 8.09 3.54
C HIS A 238 -16.96 9.25 4.29
N LEU A 239 -16.99 9.18 5.64
CA LEU A 239 -17.61 10.20 6.48
C LEU A 239 -16.76 11.46 6.63
N ALA A 240 -15.46 11.37 6.29
CA ALA A 240 -14.55 12.50 6.39
C ALA A 240 -14.61 13.39 5.16
N SER A 241 -14.88 14.69 5.38
CA SER A 241 -14.89 15.68 4.32
C SER A 241 -13.43 15.89 3.84
N GLU A 242 -13.22 16.60 2.72
CA GLU A 242 -11.88 16.87 2.19
C GLU A 242 -11.07 17.69 3.22
N LYS A 243 -11.72 18.61 3.94
CA LYS A 243 -11.08 19.45 4.97
C LYS A 243 -10.68 18.67 6.22
N VAL A 244 -11.54 17.72 6.67
CA VAL A 244 -11.27 16.86 7.82
C VAL A 244 -10.10 15.91 7.50
N TYR A 245 -10.07 15.36 6.27
CA TYR A 245 -9.01 14.48 5.81
C TYR A 245 -7.63 15.16 5.78
N THR A 246 -7.56 16.46 5.40
CA THR A 246 -6.34 17.28 5.37
C THR A 246 -5.72 17.38 6.77
N ILE A 247 -6.57 17.43 7.82
CA ILE A 247 -6.17 17.49 9.23
C ILE A 247 -5.47 16.17 9.65
N MET A 248 -6.15 15.01 9.48
CA MET A 248 -5.55 13.71 9.86
C MET A 248 -4.34 13.39 8.99
N TYR A 249 -4.41 13.78 7.70
CA TYR A 249 -3.31 13.56 6.76
C TYR A 249 -2.05 14.30 7.19
N SER A 250 -2.16 15.53 7.76
CA SER A 250 -1.00 16.34 8.19
C SER A 250 -0.19 15.67 9.33
N CYS A 251 -0.85 14.77 10.07
CA CYS A 251 -0.24 14.00 11.17
C CYS A 251 0.73 12.94 10.65
N TRP A 252 0.58 12.55 9.36
CA TRP A 252 1.35 11.45 8.78
C TRP A 252 2.48 11.87 7.84
N HIS A 253 3.04 13.08 8.01
CA HIS A 253 4.15 13.49 7.18
C HIS A 253 5.37 12.62 7.47
N GLU A 254 6.12 12.25 6.41
CA GLU A 254 7.32 11.41 6.55
C GLU A 254 8.28 12.08 7.55
N LYS A 255 8.54 13.39 7.39
CA LYS A 255 9.42 14.16 8.27
C LYS A 255 8.61 14.57 9.51
N ALA A 256 9.11 14.16 10.70
CA ALA A 256 8.47 14.41 11.99
C ALA A 256 8.26 15.91 12.28
N ASP A 257 9.28 16.76 11.98
CA ASP A 257 9.22 18.21 12.20
C ASP A 257 8.18 18.94 11.31
N GLU A 258 7.68 18.27 10.26
CA GLU A 258 6.69 18.87 9.36
C GLU A 258 5.26 18.57 9.82
N ARG A 259 5.13 17.78 10.88
CA ARG A 259 3.84 17.44 11.49
C ARG A 259 3.45 18.56 12.46
N PRO A 260 2.15 18.94 12.51
CA PRO A 260 1.75 20.01 13.44
C PRO A 260 1.80 19.58 14.90
N THR A 261 1.64 20.54 15.82
CA THR A 261 1.54 20.27 17.26
C THR A 261 0.04 20.03 17.51
N PHE A 262 -0.35 19.69 18.75
CA PHE A 262 -1.77 19.51 19.08
C PHE A 262 -2.51 20.85 19.15
N LYS A 263 -1.75 21.95 19.33
CA LYS A 263 -2.26 23.31 19.39
C LYS A 263 -2.74 23.72 17.97
N ILE A 264 -1.94 23.42 16.94
CA ILE A 264 -2.27 23.70 15.55
C ILE A 264 -3.46 22.87 15.12
N LEU A 265 -3.44 21.54 15.41
CA LEU A 265 -4.52 20.60 15.10
C LEU A 265 -5.84 21.02 15.71
N LEU A 266 -5.82 21.50 16.98
CA LEU A 266 -7.04 21.97 17.66
C LEU A 266 -7.65 23.16 16.94
N SER A 267 -6.82 24.15 16.54
CA SER A 267 -7.34 25.31 15.79
C SER A 267 -7.91 24.87 14.45
N ASN A 268 -7.25 23.89 13.78
CA ASN A 268 -7.72 23.28 12.53
C ASN A 268 -9.09 22.59 12.67
N ILE A 269 -9.31 21.88 13.80
CA ILE A 269 -10.56 21.18 14.11
C ILE A 269 -11.67 22.20 14.39
N LEU A 270 -11.39 23.22 15.24
CA LEU A 270 -12.35 24.28 15.57
C LEU A 270 -12.75 25.03 14.30
N ASP A 271 -11.81 25.22 13.35
CA ASP A 271 -12.03 25.86 12.06
C ASP A 271 -13.08 25.18 11.17
N VAL A 272 -13.25 23.84 11.29
CA VAL A 272 -14.25 23.11 10.48
C VAL A 272 -15.48 22.63 11.29
N MET A 273 -15.69 23.17 12.49
CA MET A 273 -16.87 22.85 13.32
C MET A 273 -18.12 23.40 12.62
N ASP A 274 -19.17 22.58 12.49
CA ASP A 274 -20.42 23.00 11.85
C ASP A 274 -21.59 22.83 12.81
N GLU B 14 4.37 8.04 -48.32
CA GLU B 14 4.28 6.72 -48.95
C GLU B 14 5.61 6.32 -49.60
N ILE B 15 6.37 5.46 -48.91
CA ILE B 15 7.67 4.94 -49.32
C ILE B 15 7.51 3.65 -50.13
N ASP B 16 8.20 3.56 -51.29
CA ASP B 16 8.22 2.38 -52.14
C ASP B 16 9.09 1.31 -51.46
N PRO B 17 8.54 0.09 -51.19
CA PRO B 17 9.36 -0.96 -50.52
C PRO B 17 10.62 -1.39 -51.27
N LYS B 18 10.73 -1.04 -52.57
CA LYS B 18 11.91 -1.32 -53.41
C LYS B 18 13.09 -0.42 -53.00
N ASP B 19 12.82 0.67 -52.26
CA ASP B 19 13.81 1.61 -51.75
C ASP B 19 14.25 1.26 -50.32
N LEU B 20 13.96 0.01 -49.88
CA LEU B 20 14.29 -0.47 -48.53
C LEU B 20 15.01 -1.81 -48.49
N THR B 21 16.09 -1.87 -47.69
CA THR B 21 16.84 -3.10 -47.43
C THR B 21 16.63 -3.45 -45.97
N PHE B 22 16.68 -4.75 -45.64
CA PHE B 22 16.48 -5.23 -44.27
C PHE B 22 17.74 -5.98 -43.87
N LEU B 23 18.57 -5.35 -43.01
CA LEU B 23 19.87 -5.90 -42.61
C LEU B 23 19.88 -6.61 -41.25
N LYS B 24 19.52 -5.89 -40.17
CA LYS B 24 19.51 -6.44 -38.81
C LYS B 24 18.12 -6.48 -38.19
N GLU B 25 17.94 -7.34 -37.16
CA GLU B 25 16.70 -7.51 -36.42
C GLU B 25 16.85 -6.80 -35.08
N LEU B 26 15.99 -5.81 -34.81
CA LEU B 26 16.04 -5.01 -33.59
C LEU B 26 15.23 -5.58 -32.41
N GLY B 27 14.13 -6.28 -32.70
CA GLY B 27 13.29 -6.87 -31.67
C GLY B 27 11.84 -7.14 -32.05
N THR B 28 11.01 -7.42 -31.02
CA THR B 28 9.59 -7.74 -31.16
C THR B 28 8.76 -7.04 -30.08
N GLY B 29 7.69 -6.38 -30.53
CA GLY B 29 6.73 -5.67 -29.67
C GLY B 29 5.31 -6.17 -29.89
N GLN B 30 4.32 -5.43 -29.33
CA GLN B 30 2.89 -5.77 -29.43
C GLN B 30 2.35 -5.76 -30.87
N PHE B 31 2.91 -4.88 -31.73
CA PHE B 31 2.50 -4.76 -33.13
C PHE B 31 3.26 -5.68 -34.09
N GLY B 32 4.29 -6.37 -33.60
CA GLY B 32 5.08 -7.29 -34.41
C GLY B 32 6.58 -7.10 -34.26
N VAL B 33 7.32 -7.44 -35.32
CA VAL B 33 8.79 -7.39 -35.34
C VAL B 33 9.31 -6.08 -35.99
N VAL B 34 10.35 -5.47 -35.36
CA VAL B 34 11.03 -4.25 -35.82
C VAL B 34 12.41 -4.65 -36.41
N LYS B 35 12.80 -4.04 -37.55
CA LYS B 35 14.08 -4.34 -38.20
C LYS B 35 14.86 -3.09 -38.61
N TYR B 36 16.21 -3.14 -38.48
CA TYR B 36 17.09 -2.06 -38.90
C TYR B 36 17.35 -2.25 -40.39
N GLY B 37 17.45 -1.16 -41.13
CA GLY B 37 17.71 -1.18 -42.55
C GLY B 37 18.13 0.14 -43.16
N LYS B 38 18.16 0.20 -44.50
CA LYS B 38 18.54 1.39 -45.24
C LYS B 38 17.45 1.88 -46.18
N TRP B 39 17.21 3.20 -46.18
CA TRP B 39 16.26 3.88 -47.05
C TRP B 39 17.06 4.63 -48.09
N ARG B 40 16.70 4.43 -49.38
CA ARG B 40 17.37 5.00 -50.55
C ARG B 40 18.87 4.59 -50.60
N GLY B 41 19.20 3.49 -49.92
CA GLY B 41 20.54 2.93 -49.82
C GLY B 41 21.52 3.66 -48.90
N GLN B 42 21.23 4.92 -48.56
CA GLN B 42 22.08 5.80 -47.76
C GLN B 42 21.60 6.05 -46.32
N TYR B 43 20.29 6.33 -46.13
CA TYR B 43 19.70 6.68 -44.84
C TYR B 43 19.42 5.50 -43.89
N ASP B 44 19.92 5.59 -42.63
CA ASP B 44 19.68 4.58 -41.58
C ASP B 44 18.22 4.68 -41.15
N VAL B 45 17.50 3.55 -41.12
CA VAL B 45 16.08 3.52 -40.73
C VAL B 45 15.73 2.34 -39.83
N ALA B 46 14.57 2.45 -39.19
CA ALA B 46 13.96 1.41 -38.39
C ALA B 46 12.61 1.15 -39.05
N ILE B 47 12.34 -0.11 -39.38
CA ILE B 47 11.10 -0.49 -40.03
C ILE B 47 10.29 -1.35 -39.07
N LYS B 48 9.12 -0.84 -38.68
CA LYS B 48 8.18 -1.52 -37.80
C LYS B 48 7.17 -2.23 -38.71
N MET B 49 7.07 -3.55 -38.58
CA MET B 49 6.12 -4.31 -39.39
C MET B 49 4.90 -4.61 -38.56
N ILE B 50 3.72 -4.25 -39.08
CA ILE B 50 2.45 -4.41 -38.37
C ILE B 50 1.83 -5.78 -38.65
N LYS B 51 1.86 -6.64 -37.61
CA LYS B 51 1.35 -8.01 -37.55
C LYS B 51 -0.15 -8.02 -37.85
N GLU B 52 -0.61 -9.10 -38.53
CA GLU B 52 -2.01 -9.33 -38.89
C GLU B 52 -2.90 -9.31 -37.64
N GLY B 53 -4.01 -8.58 -37.75
CA GLY B 53 -5.03 -8.45 -36.70
C GLY B 53 -4.63 -7.68 -35.45
N SER B 54 -3.50 -6.96 -35.48
CA SER B 54 -3.03 -6.21 -34.31
C SER B 54 -3.49 -4.75 -34.26
N MET B 55 -3.79 -4.15 -35.42
CA MET B 55 -4.08 -2.74 -35.52
C MET B 55 -5.30 -2.40 -36.37
N SER B 56 -6.05 -1.35 -35.96
CA SER B 56 -7.16 -0.84 -36.76
C SER B 56 -6.46 -0.03 -37.86
N GLU B 57 -6.08 -0.74 -38.94
CA GLU B 57 -5.26 -0.32 -40.07
C GLU B 57 -5.77 0.92 -40.81
N ASP B 58 -7.04 0.93 -41.27
CA ASP B 58 -7.63 2.06 -42.00
C ASP B 58 -7.57 3.39 -41.24
N GLU B 59 -7.84 3.37 -39.91
CA GLU B 59 -7.79 4.61 -39.15
C GLU B 59 -6.36 4.94 -38.72
N PHE B 60 -5.44 3.96 -38.74
CA PHE B 60 -4.04 4.31 -38.46
C PHE B 60 -3.42 4.93 -39.71
N ILE B 61 -3.75 4.41 -40.92
CA ILE B 61 -3.24 4.95 -42.20
C ILE B 61 -3.67 6.44 -42.33
N GLU B 62 -4.88 6.77 -41.85
CA GLU B 62 -5.41 8.12 -41.82
C GLU B 62 -4.70 8.98 -40.77
N GLU B 63 -4.41 8.42 -39.58
CA GLU B 63 -3.66 9.14 -38.53
C GLU B 63 -2.19 9.32 -38.89
N ALA B 64 -1.60 8.36 -39.63
CA ALA B 64 -0.19 8.42 -40.05
C ALA B 64 0.10 9.70 -40.82
N LYS B 65 -0.91 10.24 -41.56
CA LYS B 65 -0.85 11.48 -42.35
C LYS B 65 -0.53 12.69 -41.45
N VAL B 66 -1.25 12.84 -40.32
CA VAL B 66 -1.05 13.93 -39.36
C VAL B 66 0.25 13.74 -38.56
N MET B 67 0.61 12.47 -38.27
CA MET B 67 1.85 12.10 -37.54
C MET B 67 3.09 12.48 -38.34
N MET B 68 2.98 12.49 -39.67
CA MET B 68 4.05 12.86 -40.61
C MET B 68 4.39 14.34 -40.47
N ASN B 69 3.40 15.16 -40.09
CA ASN B 69 3.55 16.62 -39.94
C ASN B 69 4.21 17.01 -38.62
N LEU B 70 4.24 16.08 -37.64
CA LEU B 70 4.88 16.30 -36.34
C LEU B 70 6.39 16.21 -36.53
N SER B 71 7.11 17.28 -36.18
CA SER B 71 8.55 17.34 -36.35
C SER B 71 9.20 18.11 -35.22
N HIS B 72 10.00 17.38 -34.42
CA HIS B 72 10.74 17.91 -33.28
C HIS B 72 11.95 17.03 -33.03
N GLU B 73 13.08 17.65 -32.62
CA GLU B 73 14.37 17.00 -32.37
C GLU B 73 14.29 15.89 -31.32
N LYS B 74 13.37 16.01 -30.36
CA LYS B 74 13.24 15.02 -29.30
C LYS B 74 12.03 14.06 -29.51
N LEU B 75 11.42 14.09 -30.71
CA LEU B 75 10.29 13.21 -31.10
C LEU B 75 10.79 12.32 -32.26
N VAL B 76 10.59 10.99 -32.15
CA VAL B 76 11.00 9.99 -33.17
C VAL B 76 10.33 10.35 -34.51
N GLN B 77 11.14 10.73 -35.51
CA GLN B 77 10.65 11.14 -36.81
C GLN B 77 10.16 9.98 -37.68
N LEU B 78 8.90 10.08 -38.12
CA LEU B 78 8.23 9.12 -38.99
C LEU B 78 8.50 9.56 -40.43
N TYR B 79 9.40 8.85 -41.15
CA TYR B 79 9.79 9.16 -42.53
C TYR B 79 8.71 8.85 -43.57
N GLY B 80 7.94 7.78 -43.35
CA GLY B 80 6.87 7.36 -44.25
C GLY B 80 6.30 5.99 -43.95
N VAL B 81 5.37 5.53 -44.82
CA VAL B 81 4.66 4.24 -44.66
C VAL B 81 4.61 3.40 -45.97
N CYS B 82 4.30 2.09 -45.81
CA CYS B 82 4.09 1.15 -46.91
C CYS B 82 2.70 0.54 -46.66
N THR B 83 1.67 1.16 -47.28
CA THR B 83 0.25 0.85 -47.12
C THR B 83 -0.29 -0.20 -48.12
N LYS B 84 0.18 -0.14 -49.37
CA LYS B 84 -0.28 -0.98 -50.48
C LYS B 84 0.22 -2.44 -50.46
N GLN B 85 1.19 -2.79 -49.59
CA GLN B 85 1.73 -4.15 -49.51
C GLN B 85 1.83 -4.65 -48.06
N ARG B 86 0.76 -5.33 -47.58
CA ARG B 86 0.64 -5.90 -46.22
C ARG B 86 1.70 -6.98 -45.93
N PRO B 87 2.32 -7.02 -44.72
CA PRO B 87 2.14 -6.16 -43.53
C PRO B 87 2.49 -4.69 -43.75
N ILE B 88 1.89 -3.79 -42.94
CA ILE B 88 2.14 -2.35 -43.00
C ILE B 88 3.53 -2.04 -42.47
N PHE B 89 4.35 -1.33 -43.25
CA PHE B 89 5.69 -0.93 -42.81
C PHE B 89 5.65 0.51 -42.29
N ILE B 90 6.19 0.72 -41.09
CA ILE B 90 6.30 2.04 -40.46
C ILE B 90 7.80 2.39 -40.42
N ILE B 91 8.24 3.25 -41.36
CA ILE B 91 9.62 3.68 -41.52
C ILE B 91 9.90 4.90 -40.66
N THR B 92 10.88 4.78 -39.75
CA THR B 92 11.23 5.82 -38.80
C THR B 92 12.74 6.02 -38.66
N GLU B 93 13.11 6.95 -37.77
CA GLU B 93 14.46 7.30 -37.38
C GLU B 93 15.07 6.12 -36.61
N TYR B 94 16.30 5.73 -36.97
CA TYR B 94 16.99 4.63 -36.29
C TYR B 94 17.56 5.06 -34.95
N MET B 95 17.11 4.38 -33.87
CA MET B 95 17.49 4.63 -32.49
C MET B 95 18.29 3.44 -31.98
N ALA B 96 19.61 3.48 -32.24
CA ALA B 96 20.62 2.45 -31.98
C ALA B 96 20.78 1.97 -30.53
N ASN B 97 20.38 2.78 -29.54
CA ASN B 97 20.54 2.41 -28.13
C ASN B 97 19.24 1.88 -27.49
N GLY B 98 18.26 1.58 -28.34
CA GLY B 98 17.00 0.95 -28.00
C GLY B 98 16.05 1.69 -27.08
N CYS B 99 15.13 0.94 -26.44
CA CYS B 99 14.11 1.50 -25.54
C CYS B 99 14.75 2.01 -24.26
N LEU B 100 14.28 3.18 -23.78
CA LEU B 100 14.79 3.85 -22.58
C LEU B 100 14.83 2.94 -21.34
N LEU B 101 13.77 2.13 -21.12
CA LEU B 101 13.66 1.22 -19.97
C LEU B 101 14.85 0.26 -19.84
N ASN B 102 15.18 -0.47 -20.91
CA ASN B 102 16.32 -1.41 -20.91
C ASN B 102 17.65 -0.67 -20.67
N TYR B 103 17.79 0.51 -21.29
CA TYR B 103 18.96 1.39 -21.20
C TYR B 103 19.17 1.90 -19.75
N LEU B 104 18.07 2.21 -19.05
CA LEU B 104 18.09 2.61 -17.63
C LEU B 104 18.48 1.43 -16.71
N ARG B 105 18.04 0.23 -17.08
CA ARG B 105 18.28 -1.02 -16.37
C ARG B 105 19.69 -1.59 -16.55
N GLU B 106 20.46 -1.07 -17.53
CA GLU B 106 21.85 -1.49 -17.76
C GLU B 106 22.72 -0.69 -16.79
N MET B 107 23.11 -1.33 -15.67
CA MET B 107 23.90 -0.70 -14.59
C MET B 107 25.33 -0.32 -14.99
N ARG B 108 25.82 -0.89 -16.11
CA ARG B 108 27.17 -0.60 -16.63
C ARG B 108 27.35 0.88 -16.99
N HIS B 109 26.25 1.57 -17.39
CA HIS B 109 26.25 2.98 -17.79
C HIS B 109 26.70 3.96 -16.69
N ARG B 110 26.51 3.60 -15.39
CA ARG B 110 26.92 4.40 -14.22
C ARG B 110 26.56 5.89 -14.41
N PHE B 111 25.28 6.12 -14.74
CA PHE B 111 24.73 7.44 -15.03
C PHE B 111 24.93 8.45 -13.92
N GLN B 112 25.23 9.69 -14.32
CA GLN B 112 25.31 10.83 -13.42
C GLN B 112 23.88 11.32 -13.33
N THR B 113 23.50 11.99 -12.22
CA THR B 113 22.13 12.54 -12.07
C THR B 113 21.86 13.62 -13.12
N GLN B 114 22.95 14.23 -13.66
CA GLN B 114 22.84 15.25 -14.71
C GLN B 114 22.37 14.63 -16.03
N GLN B 115 22.81 13.38 -16.30
CA GLN B 115 22.42 12.63 -17.49
C GLN B 115 20.96 12.22 -17.36
N LEU B 116 20.54 11.87 -16.13
CA LEU B 116 19.16 11.50 -15.81
C LEU B 116 18.23 12.70 -16.03
N LEU B 117 18.67 13.90 -15.61
CA LEU B 117 17.93 15.16 -15.75
C LEU B 117 17.78 15.54 -17.22
N GLU B 118 18.88 15.36 -18.01
CA GLU B 118 18.85 15.65 -19.45
C GLU B 118 17.90 14.70 -20.19
N MET B 119 17.75 13.46 -19.71
CA MET B 119 16.79 12.48 -20.27
C MET B 119 15.37 13.03 -20.04
N CYS B 120 15.11 13.57 -18.82
CA CYS B 120 13.83 14.17 -18.43
C CYS B 120 13.55 15.41 -19.28
N LYS B 121 14.58 16.29 -19.47
CA LYS B 121 14.53 17.50 -20.29
C LYS B 121 14.19 17.12 -21.73
N ASP B 122 14.85 16.06 -22.26
CA ASP B 122 14.60 15.54 -23.60
C ASP B 122 13.11 15.19 -23.78
N VAL B 123 12.56 14.39 -22.85
CA VAL B 123 11.16 13.96 -22.90
C VAL B 123 10.21 15.17 -22.75
N CYS B 124 10.52 16.10 -21.82
CA CYS B 124 9.70 17.28 -21.60
C CYS B 124 9.61 18.18 -22.83
N GLU B 125 10.71 18.30 -23.58
CA GLU B 125 10.79 19.08 -24.81
C GLU B 125 9.87 18.54 -25.91
N ALA B 126 9.86 17.22 -26.10
CA ALA B 126 9.02 16.55 -27.10
C ALA B 126 7.56 16.59 -26.67
N MET B 127 7.30 16.51 -25.34
CA MET B 127 5.95 16.54 -24.79
C MET B 127 5.38 17.96 -24.81
N GLU B 128 6.26 18.99 -24.74
CA GLU B 128 5.88 20.40 -24.82
C GLU B 128 5.51 20.70 -26.27
N TYR B 129 6.19 20.05 -27.23
CA TYR B 129 5.90 20.19 -28.66
C TYR B 129 4.54 19.53 -28.99
N LEU B 130 4.27 18.31 -28.47
CA LEU B 130 3.01 17.59 -28.71
C LEU B 130 1.81 18.32 -28.14
N GLU B 131 1.94 18.87 -26.91
CA GLU B 131 0.90 19.66 -26.22
C GLU B 131 0.56 20.92 -27.04
N SER B 132 1.60 21.55 -27.64
CA SER B 132 1.43 22.75 -28.48
C SER B 132 0.67 22.40 -29.78
N LYS B 133 0.71 21.12 -30.21
CA LYS B 133 0.03 20.64 -31.41
C LYS B 133 -1.28 19.94 -31.08
N GLN B 134 -1.69 20.00 -29.78
CA GLN B 134 -2.91 19.37 -29.22
C GLN B 134 -2.92 17.85 -29.43
N PHE B 135 -1.74 17.24 -29.46
CA PHE B 135 -1.56 15.81 -29.66
C PHE B 135 -1.25 15.12 -28.34
N LEU B 136 -2.08 14.15 -27.92
CA LEU B 136 -1.84 13.39 -26.70
C LEU B 136 -1.05 12.15 -27.03
N HIS B 137 -0.14 11.75 -26.11
CA HIS B 137 0.62 10.54 -26.28
C HIS B 137 -0.32 9.37 -25.97
N ARG B 138 -0.96 9.40 -24.77
CA ARG B 138 -1.94 8.45 -24.19
C ARG B 138 -1.27 7.20 -23.55
N ASP B 139 0.03 6.96 -23.81
CA ASP B 139 0.76 5.84 -23.24
C ASP B 139 2.24 6.17 -22.96
N LEU B 140 2.53 7.38 -22.44
CA LEU B 140 3.92 7.76 -22.14
C LEU B 140 4.46 6.94 -20.94
N ALA B 141 5.63 6.32 -21.14
CA ALA B 141 6.37 5.47 -20.20
C ALA B 141 7.76 5.28 -20.78
N ALA B 142 8.70 4.70 -19.99
CA ALA B 142 10.09 4.48 -20.43
C ALA B 142 10.21 3.46 -21.55
N ARG B 143 9.28 2.49 -21.60
CA ARG B 143 9.26 1.43 -22.62
C ARG B 143 8.90 1.97 -24.02
N ASN B 144 8.20 3.14 -24.07
CA ASN B 144 7.76 3.82 -25.29
C ASN B 144 8.74 4.91 -25.74
N CYS B 145 9.80 5.15 -24.95
CA CYS B 145 10.84 6.14 -25.25
C CYS B 145 12.03 5.39 -25.85
N LEU B 146 12.78 6.06 -26.74
CA LEU B 146 13.94 5.46 -27.41
C LEU B 146 15.21 6.29 -27.23
N VAL B 147 16.37 5.66 -27.36
CA VAL B 147 17.66 6.33 -27.18
C VAL B 147 18.51 6.20 -28.45
N ASN B 148 19.02 7.33 -28.98
CA ASN B 148 19.87 7.27 -30.18
C ASN B 148 21.34 7.00 -29.79
N ASP B 149 22.25 6.85 -30.78
CA ASP B 149 23.67 6.57 -30.57
C ASP B 149 24.44 7.65 -29.79
N GLN B 150 23.85 8.86 -29.65
CA GLN B 150 24.42 9.99 -28.91
C GLN B 150 23.86 10.09 -27.49
N GLY B 151 22.96 9.18 -27.13
CA GLY B 151 22.34 9.17 -25.82
C GLY B 151 21.16 10.12 -25.70
N VAL B 152 20.68 10.66 -26.84
CA VAL B 152 19.52 11.56 -26.87
C VAL B 152 18.25 10.70 -26.80
N VAL B 153 17.42 10.98 -25.79
CA VAL B 153 16.17 10.28 -25.57
C VAL B 153 15.07 10.96 -26.39
N LYS B 154 14.30 10.16 -27.14
CA LYS B 154 13.20 10.66 -27.96
C LYS B 154 11.88 9.92 -27.68
N VAL B 155 10.78 10.67 -27.75
CA VAL B 155 9.43 10.14 -27.56
C VAL B 155 9.01 9.40 -28.83
N SER B 156 8.56 8.16 -28.66
CA SER B 156 8.11 7.28 -29.74
C SER B 156 6.70 6.74 -29.44
N ASP B 157 6.09 6.06 -30.44
CA ASP B 157 4.78 5.41 -30.37
C ASP B 157 3.62 6.33 -29.88
N PHE B 158 3.72 7.64 -30.16
CA PHE B 158 2.73 8.65 -29.77
C PHE B 158 1.37 8.44 -30.43
N GLY B 159 0.33 8.29 -29.60
CA GLY B 159 -1.05 8.08 -30.00
C GLY B 159 -1.41 6.69 -30.50
N LEU B 160 -0.43 5.77 -30.63
CA LEU B 160 -0.58 4.41 -31.17
C LEU B 160 -1.57 3.49 -30.46
N SER B 161 -1.83 3.70 -29.15
CA SER B 161 -2.77 2.87 -28.37
C SER B 161 -4.21 2.96 -28.90
N ARG B 162 -4.55 4.05 -29.61
CA ARG B 162 -5.88 4.28 -30.21
C ARG B 162 -6.24 3.23 -31.26
N TYR B 163 -5.22 2.57 -31.84
CA TYR B 163 -5.35 1.63 -32.94
C TYR B 163 -5.02 0.18 -32.55
N VAL B 164 -4.62 -0.05 -31.28
CA VAL B 164 -4.33 -1.38 -30.74
C VAL B 164 -5.64 -2.16 -30.66
N LEU B 165 -5.76 -3.28 -31.41
CA LEU B 165 -6.97 -4.10 -31.42
C LEU B 165 -7.06 -5.06 -30.24
N ASP B 166 -5.91 -5.43 -29.63
CA ASP B 166 -5.83 -6.36 -28.49
C ASP B 166 -6.52 -5.75 -27.26
N ASP B 167 -7.65 -6.36 -26.82
CA ASP B 167 -8.47 -5.90 -25.70
C ASP B 167 -7.78 -6.00 -24.32
N GLU B 168 -6.66 -6.78 -24.21
CA GLU B 168 -5.86 -6.88 -22.99
C GLU B 168 -5.11 -5.56 -22.69
N TYR B 169 -4.82 -4.77 -23.74
CA TYR B 169 -4.15 -3.45 -23.64
C TYR B 169 -5.20 -2.36 -23.53
N THR B 170 -6.37 -2.58 -24.17
CA THR B 170 -7.50 -1.65 -24.26
C THR B 170 -8.23 -1.53 -22.91
N SER B 171 -8.68 -2.68 -22.35
CA SER B 171 -9.42 -2.74 -21.10
C SER B 171 -8.63 -2.14 -19.93
N SER B 172 -9.26 -1.23 -19.17
CA SER B 172 -8.66 -0.53 -18.02
C SER B 172 -8.32 -1.52 -16.90
N VAL B 173 -9.07 -2.64 -16.85
CA VAL B 173 -8.88 -3.74 -15.90
C VAL B 173 -8.15 -4.91 -16.60
N GLY B 174 -7.67 -4.66 -17.82
CA GLY B 174 -6.93 -5.63 -18.62
C GLY B 174 -5.52 -5.88 -18.10
N SER B 175 -5.00 -7.10 -18.34
CA SER B 175 -3.67 -7.55 -17.91
C SER B 175 -2.49 -6.76 -18.50
N LYS B 176 -2.71 -5.94 -19.54
CA LYS B 176 -1.62 -5.20 -20.19
C LYS B 176 -1.86 -3.68 -20.27
N PHE B 177 -2.92 -3.17 -19.60
CA PHE B 177 -3.24 -1.73 -19.58
C PHE B 177 -2.16 -0.99 -18.77
N PRO B 178 -1.73 0.23 -19.20
CA PRO B 178 -0.70 0.96 -18.41
C PRO B 178 -1.20 1.58 -17.10
N VAL B 179 -1.65 0.72 -16.16
CA VAL B 179 -2.19 1.07 -14.84
C VAL B 179 -1.20 1.93 -14.04
N ARG B 180 0.08 1.52 -13.98
CA ARG B 180 1.13 2.20 -13.19
C ARG B 180 1.50 3.61 -13.71
N TRP B 181 1.02 4.00 -14.90
CA TRP B 181 1.24 5.30 -15.53
C TRP B 181 -0.06 6.10 -15.67
N SER B 182 -1.15 5.57 -15.11
CA SER B 182 -2.47 6.16 -15.16
C SER B 182 -2.87 6.96 -13.93
N PRO B 183 -3.46 8.15 -14.13
CA PRO B 183 -3.94 8.94 -12.99
C PRO B 183 -5.29 8.43 -12.45
N PRO B 184 -5.75 8.86 -11.24
CA PRO B 184 -7.06 8.39 -10.74
C PRO B 184 -8.26 8.54 -11.68
N GLU B 185 -8.40 9.69 -12.39
CA GLU B 185 -9.55 9.92 -13.28
C GLU B 185 -9.57 8.98 -14.50
N VAL B 186 -8.40 8.48 -14.92
CA VAL B 186 -8.29 7.51 -16.01
C VAL B 186 -8.72 6.14 -15.49
N LEU B 187 -8.18 5.74 -14.32
CA LEU B 187 -8.50 4.44 -13.71
C LEU B 187 -9.95 4.33 -13.30
N MET B 188 -10.53 5.45 -12.81
CA MET B 188 -11.90 5.45 -12.37
C MET B 188 -12.93 5.79 -13.43
N TYR B 189 -12.65 6.76 -14.32
CA TYR B 189 -13.66 7.18 -15.31
C TYR B 189 -13.21 7.19 -16.78
N SER B 190 -11.97 6.72 -17.07
CA SER B 190 -11.38 6.74 -18.42
C SER B 190 -11.39 8.20 -18.97
N LYS B 191 -11.00 9.15 -18.08
CA LYS B 191 -10.93 10.59 -18.36
C LYS B 191 -9.51 10.95 -18.82
N PHE B 192 -9.31 10.97 -20.15
CA PHE B 192 -8.03 11.28 -20.77
C PHE B 192 -7.99 12.73 -21.20
N SER B 193 -6.85 13.40 -20.98
CA SER B 193 -6.65 14.80 -21.32
C SER B 193 -5.16 15.02 -21.38
N SER B 194 -4.72 16.28 -21.47
CA SER B 194 -3.31 16.66 -21.45
C SER B 194 -2.74 16.35 -20.08
N LYS B 195 -3.60 16.38 -19.04
CA LYS B 195 -3.24 16.10 -17.65
C LYS B 195 -2.97 14.61 -17.35
N SER B 196 -3.49 13.67 -18.18
CA SER B 196 -3.18 12.24 -17.98
C SER B 196 -1.78 11.97 -18.58
N ASP B 197 -1.42 12.77 -19.60
CA ASP B 197 -0.09 12.79 -20.23
C ASP B 197 0.93 13.42 -19.25
N ILE B 198 0.50 14.43 -18.44
CA ILE B 198 1.30 15.10 -17.41
C ILE B 198 1.64 14.09 -16.30
N TRP B 199 0.62 13.36 -15.80
CA TRP B 199 0.77 12.31 -14.77
C TRP B 199 1.78 11.28 -15.25
N ALA B 200 1.57 10.74 -16.47
CA ALA B 200 2.46 9.73 -17.07
C ALA B 200 3.92 10.21 -17.12
N PHE B 201 4.15 11.50 -17.43
CA PHE B 201 5.50 12.07 -17.48
C PHE B 201 6.16 12.02 -16.12
N GLY B 202 5.37 12.30 -15.07
CA GLY B 202 5.82 12.29 -13.68
C GLY B 202 6.34 10.92 -13.27
N VAL B 203 5.60 9.86 -13.66
CA VAL B 203 5.93 8.45 -13.43
C VAL B 203 7.18 8.13 -14.26
N LEU B 204 7.23 8.62 -15.51
CA LEU B 204 8.40 8.44 -16.38
C LEU B 204 9.67 9.06 -15.74
N MET B 205 9.56 10.27 -15.13
CA MET B 205 10.66 10.92 -14.40
C MET B 205 11.06 10.01 -13.23
N TRP B 206 10.07 9.38 -12.57
CA TRP B 206 10.31 8.43 -11.46
C TRP B 206 11.07 7.22 -11.94
N GLU B 207 10.72 6.67 -13.13
CA GLU B 207 11.41 5.51 -13.70
C GLU B 207 12.88 5.88 -13.98
N ILE B 208 13.12 7.08 -14.57
CA ILE B 208 14.46 7.56 -14.90
C ILE B 208 15.37 7.59 -13.65
N TYR B 209 14.91 8.22 -12.56
CA TYR B 209 15.67 8.37 -11.33
C TYR B 209 15.79 7.09 -10.49
N SER B 210 14.93 6.11 -10.77
CA SER B 210 14.92 4.80 -10.12
C SER B 210 15.67 3.76 -10.99
N LEU B 211 16.29 4.22 -12.09
CA LEU B 211 17.06 3.40 -13.04
C LEU B 211 16.25 2.20 -13.59
N GLY B 212 15.02 2.49 -14.03
CA GLY B 212 14.11 1.54 -14.64
C GLY B 212 13.36 0.65 -13.68
N LYS B 213 13.25 1.05 -12.41
CA LYS B 213 12.49 0.27 -11.41
C LYS B 213 11.01 0.31 -11.77
N MET B 214 10.31 -0.79 -11.54
CA MET B 214 8.88 -0.87 -11.81
C MET B 214 8.12 -0.01 -10.81
N PRO B 215 7.24 0.90 -11.28
CA PRO B 215 6.47 1.73 -10.34
C PRO B 215 5.49 0.86 -9.54
N TYR B 216 5.44 1.07 -8.21
CA TYR B 216 4.58 0.34 -7.26
C TYR B 216 4.81 -1.18 -7.37
N GLU B 217 6.09 -1.59 -7.43
CA GLU B 217 6.52 -2.98 -7.59
C GLU B 217 5.99 -3.96 -6.52
N ARG B 218 5.67 -3.47 -5.30
CA ARG B 218 5.15 -4.31 -4.22
C ARG B 218 3.66 -4.64 -4.38
N PHE B 219 3.00 -4.12 -5.43
CA PHE B 219 1.58 -4.36 -5.63
C PHE B 219 1.28 -4.89 -7.03
N THR B 220 0.16 -5.62 -7.19
CA THR B 220 -0.31 -6.11 -8.50
C THR B 220 -1.00 -4.92 -9.22
N ASN B 221 -1.47 -5.11 -10.47
CA ASN B 221 -2.16 -4.06 -11.23
C ASN B 221 -3.44 -3.57 -10.56
N SER B 222 -4.30 -4.50 -10.13
CA SER B 222 -5.56 -4.18 -9.46
C SER B 222 -5.34 -3.60 -8.06
N GLU B 223 -4.25 -3.99 -7.37
CA GLU B 223 -3.91 -3.46 -6.05
C GLU B 223 -3.45 -2.01 -6.21
N THR B 224 -2.56 -1.75 -7.20
CA THR B 224 -2.03 -0.43 -7.57
C THR B 224 -3.18 0.51 -7.92
N ALA B 225 -4.10 0.08 -8.80
CA ALA B 225 -5.23 0.87 -9.29
C ALA B 225 -6.05 1.49 -8.15
N GLU B 226 -6.43 0.70 -7.13
CA GLU B 226 -7.19 1.22 -5.99
C GLU B 226 -6.35 2.08 -5.05
N HIS B 227 -5.02 1.79 -4.91
CA HIS B 227 -4.17 2.62 -4.05
C HIS B 227 -3.97 4.02 -4.67
N ILE B 228 -3.76 4.09 -5.99
CA ILE B 228 -3.63 5.34 -6.74
C ILE B 228 -4.88 6.20 -6.58
N ALA B 229 -6.06 5.58 -6.79
CA ALA B 229 -7.38 6.20 -6.63
C ALA B 229 -7.53 6.74 -5.19
N GLN B 230 -7.02 5.99 -4.19
CA GLN B 230 -7.14 6.40 -2.81
C GLN B 230 -5.99 7.35 -2.32
N GLY B 231 -5.09 7.76 -3.22
CA GLY B 231 -4.03 8.71 -2.92
C GLY B 231 -2.57 8.26 -2.83
N LEU B 232 -2.27 7.01 -3.22
CA LEU B 232 -0.89 6.55 -3.16
C LEU B 232 -0.05 7.22 -4.22
N ARG B 233 1.14 7.69 -3.82
CA ARG B 233 2.09 8.32 -4.71
C ARG B 233 3.45 7.63 -4.56
N LEU B 234 4.22 7.62 -5.66
CA LEU B 234 5.54 7.01 -5.70
C LEU B 234 6.51 7.74 -4.76
N TYR B 235 7.27 7.00 -3.93
CA TYR B 235 8.24 7.56 -2.98
C TYR B 235 9.41 8.22 -3.75
N ARG B 236 10.13 9.12 -3.06
CA ARG B 236 11.30 9.77 -3.63
C ARG B 236 12.42 8.77 -4.00
N PRO B 237 12.79 8.66 -5.30
CA PRO B 237 13.93 7.79 -5.68
C PRO B 237 15.20 8.30 -5.00
N HIS B 238 16.12 7.39 -4.62
CA HIS B 238 17.37 7.79 -3.96
C HIS B 238 18.21 8.80 -4.75
N LEU B 239 18.18 8.74 -6.09
CA LEU B 239 18.95 9.63 -6.97
C LEU B 239 18.30 10.99 -7.18
N ALA B 240 16.98 11.09 -6.93
CA ALA B 240 16.26 12.35 -7.08
C ALA B 240 16.48 13.27 -5.90
N SER B 241 16.92 14.52 -6.18
CA SER B 241 17.08 15.57 -5.16
C SER B 241 15.66 15.98 -4.72
N GLU B 242 15.54 16.78 -3.64
CA GLU B 242 14.23 17.22 -3.14
C GLU B 242 13.53 18.11 -4.17
N LYS B 243 14.33 18.88 -4.94
CA LYS B 243 13.84 19.77 -6.00
C LYS B 243 13.34 18.94 -7.22
N VAL B 244 14.11 17.91 -7.64
CA VAL B 244 13.70 17.01 -8.73
C VAL B 244 12.39 16.26 -8.34
N TYR B 245 12.30 15.79 -7.08
CA TYR B 245 11.09 15.11 -6.59
C TYR B 245 9.86 16.02 -6.66
N THR B 246 10.02 17.32 -6.32
CA THR B 246 8.95 18.33 -6.37
C THR B 246 8.33 18.44 -7.76
N ILE B 247 9.17 18.35 -8.80
CA ILE B 247 8.78 18.40 -10.22
C ILE B 247 7.92 17.17 -10.57
N MET B 248 8.38 15.94 -10.23
CA MET B 248 7.60 14.74 -10.54
C MET B 248 6.31 14.67 -9.70
N TYR B 249 6.39 15.14 -8.44
CA TYR B 249 5.28 15.15 -7.51
C TYR B 249 4.15 16.06 -7.97
N SER B 250 4.48 17.22 -8.60
CA SER B 250 3.50 18.19 -9.11
C SER B 250 2.62 17.61 -10.23
N CYS B 251 3.14 16.61 -10.98
CA CYS B 251 2.42 15.88 -12.03
C CYS B 251 1.34 14.98 -11.45
N TRP B 252 1.40 14.71 -10.12
CA TRP B 252 0.49 13.75 -9.50
C TRP B 252 -0.62 14.35 -8.61
N HIS B 253 -0.94 15.66 -8.79
CA HIS B 253 -2.04 16.31 -8.05
C HIS B 253 -3.35 15.56 -8.31
N GLU B 254 -4.17 15.37 -7.27
CA GLU B 254 -5.46 14.66 -7.39
C GLU B 254 -6.37 15.43 -8.35
N LYS B 255 -6.42 16.75 -8.20
CA LYS B 255 -7.20 17.60 -9.09
C LYS B 255 -6.34 17.89 -10.32
N ALA B 256 -6.73 17.29 -11.47
CA ALA B 256 -6.02 17.38 -12.76
C ALA B 256 -5.73 18.82 -13.16
N ASP B 257 -6.63 19.77 -12.85
CA ASP B 257 -6.44 21.19 -13.11
C ASP B 257 -5.25 21.80 -12.34
N GLU B 258 -4.84 21.19 -11.21
CA GLU B 258 -3.72 21.67 -10.38
C GLU B 258 -2.35 21.18 -10.85
N ARG B 259 -2.33 20.26 -11.84
CA ARG B 259 -1.10 19.71 -12.42
C ARG B 259 -0.52 20.73 -13.42
N PRO B 260 0.81 20.86 -13.55
CA PRO B 260 1.35 21.84 -14.52
C PRO B 260 1.19 21.41 -15.99
N THR B 261 1.59 22.30 -16.89
CA THR B 261 1.61 22.10 -18.35
C THR B 261 3.03 21.61 -18.63
N PHE B 262 3.32 21.13 -19.85
CA PHE B 262 4.70 20.70 -20.17
C PHE B 262 5.66 21.89 -20.25
N LYS B 263 5.14 23.08 -20.59
CA LYS B 263 5.89 24.35 -20.66
C LYS B 263 6.42 24.71 -19.27
N ILE B 264 5.57 24.59 -18.23
CA ILE B 264 5.90 24.87 -16.83
C ILE B 264 6.95 23.89 -16.32
N LEU B 265 6.71 22.57 -16.52
CA LEU B 265 7.64 21.50 -16.15
C LEU B 265 9.05 21.71 -16.72
N LEU B 266 9.13 22.10 -18.02
CA LEU B 266 10.41 22.36 -18.69
C LEU B 266 11.21 23.47 -18.01
N SER B 267 10.56 24.59 -17.62
CA SER B 267 11.26 25.67 -16.91
C SER B 267 11.76 25.19 -15.55
N ASN B 268 10.96 24.33 -14.87
CA ASN B 268 11.31 23.72 -13.58
C ASN B 268 12.51 22.79 -13.70
N ILE B 269 12.57 22.03 -14.81
CA ILE B 269 13.66 21.11 -15.13
C ILE B 269 14.94 21.93 -15.41
N LEU B 270 14.82 23.03 -16.18
CA LEU B 270 15.95 23.92 -16.49
C LEU B 270 16.50 24.61 -15.25
N ASP B 271 15.62 25.07 -14.33
CA ASP B 271 16.02 25.73 -13.09
C ASP B 271 16.91 24.85 -12.19
N VAL B 272 16.84 23.51 -12.32
CA VAL B 272 17.65 22.56 -11.52
C VAL B 272 18.81 21.92 -12.33
N MET B 273 19.03 22.36 -13.58
CA MET B 273 20.14 21.85 -14.40
C MET B 273 21.48 22.18 -13.72
N ASP B 274 22.30 21.14 -13.44
CA ASP B 274 23.60 21.17 -12.75
C ASP B 274 23.49 21.38 -11.23
N GLU B 275 22.27 21.50 -10.70
CA GLU B 275 22.04 21.66 -9.26
C GLU B 275 22.23 20.33 -8.52
N GLU B 276 23.41 20.16 -7.89
CA GLU B 276 23.78 18.97 -7.13
C GLU B 276 23.11 18.96 -5.76
N GLY C 5 -39.53 -21.77 21.61
CA GLY C 5 -38.26 -22.33 22.05
C GLY C 5 -37.38 -22.81 20.92
N SER C 6 -37.00 -21.89 20.01
CA SER C 6 -36.14 -22.17 18.85
C SER C 6 -34.74 -22.55 19.30
N SER C 7 -34.19 -23.64 18.70
CA SER C 7 -32.87 -24.16 19.02
C SER C 7 -31.73 -23.52 18.22
N ILE C 8 -31.96 -23.25 16.91
CA ILE C 8 -30.96 -22.70 15.98
C ILE C 8 -31.37 -21.32 15.43
N SER C 9 -30.42 -20.35 15.42
CA SER C 9 -30.65 -18.99 14.90
C SER C 9 -30.41 -18.90 13.38
N ASN C 10 -29.40 -19.62 12.87
CA ASN C 10 -29.10 -19.63 11.45
C ASN C 10 -28.84 -21.05 10.95
N LEU C 11 -29.87 -21.66 10.34
CA LEU C 11 -29.86 -23.02 9.78
C LEU C 11 -28.87 -23.16 8.62
N SER C 12 -28.72 -22.10 7.78
CA SER C 12 -27.81 -22.08 6.63
C SER C 12 -26.33 -22.09 7.06
N MET C 13 -26.06 -21.90 8.37
CA MET C 13 -24.71 -21.89 8.93
C MET C 13 -24.50 -23.03 9.96
N GLN C 14 -25.32 -24.09 9.87
CA GLN C 14 -25.26 -25.25 10.77
C GLN C 14 -24.01 -26.11 10.56
N THR C 15 -23.55 -26.24 9.30
CA THR C 15 -22.37 -27.05 8.98
C THR C 15 -21.09 -26.22 9.09
N HIS C 16 -19.99 -26.86 9.51
CA HIS C 16 -18.67 -26.25 9.65
C HIS C 16 -18.20 -25.63 8.33
N ALA C 17 -18.43 -26.33 7.20
CA ALA C 17 -18.07 -25.88 5.84
C ALA C 17 -18.78 -24.58 5.42
N ALA C 18 -20.10 -24.45 5.75
CA ALA C 18 -20.92 -23.27 5.45
C ALA C 18 -20.41 -22.04 6.19
N ARG C 19 -19.91 -22.23 7.44
CA ARG C 19 -19.33 -21.19 8.25
C ARG C 19 -17.95 -20.82 7.71
N MET C 20 -17.24 -21.80 7.11
CA MET C 20 -15.92 -21.59 6.52
C MET C 20 -15.96 -20.73 5.25
N ARG C 21 -17.03 -20.87 4.44
CA ARG C 21 -17.20 -20.13 3.19
C ARG C 21 -17.38 -18.61 3.39
N THR C 22 -17.96 -18.22 4.55
CA THR C 22 -18.19 -16.82 4.94
C THR C 22 -16.88 -16.08 5.21
N PHE C 23 -15.82 -16.81 5.62
CA PHE C 23 -14.50 -16.25 5.93
C PHE C 23 -13.60 -16.00 4.70
N MET C 24 -14.20 -15.98 3.48
CA MET C 24 -13.47 -15.75 2.22
C MET C 24 -12.74 -14.41 2.22
N TYR C 25 -13.47 -13.32 2.56
CA TYR C 25 -12.94 -11.95 2.63
C TYR C 25 -12.65 -11.51 4.06
N TRP C 26 -12.21 -12.46 4.92
CA TRP C 26 -11.85 -12.23 6.32
C TRP C 26 -10.55 -11.42 6.34
N PRO C 27 -10.56 -10.22 6.99
CA PRO C 27 -9.35 -9.38 7.00
C PRO C 27 -8.11 -10.05 7.58
N SER C 28 -6.94 -9.87 6.94
CA SER C 28 -5.66 -10.45 7.37
C SER C 28 -5.11 -9.82 8.66
N SER C 29 -5.68 -8.68 9.09
CA SER C 29 -5.31 -7.95 10.31
C SER C 29 -5.84 -8.64 11.58
N VAL C 30 -6.86 -9.53 11.46
CA VAL C 30 -7.44 -10.24 12.60
C VAL C 30 -6.48 -11.30 13.16
N PRO C 31 -6.07 -11.21 14.45
CA PRO C 31 -5.11 -12.18 15.00
C PRO C 31 -5.69 -13.53 15.42
N VAL C 32 -6.84 -13.91 14.84
CA VAL C 32 -7.53 -15.19 15.08
C VAL C 32 -7.88 -15.77 13.69
N GLN C 33 -7.73 -17.09 13.53
CA GLN C 33 -7.95 -17.79 12.27
C GLN C 33 -9.38 -18.30 12.04
N PRO C 34 -9.86 -18.28 10.77
CA PRO C 34 -11.23 -18.77 10.48
C PRO C 34 -11.57 -20.15 11.03
N GLU C 35 -10.66 -21.12 10.88
CA GLU C 35 -10.82 -22.51 11.33
C GLU C 35 -11.18 -22.62 12.82
N GLN C 36 -10.52 -21.81 13.67
CA GLN C 36 -10.75 -21.78 15.13
C GLN C 36 -12.11 -21.20 15.48
N LEU C 37 -12.57 -20.21 14.68
CA LEU C 37 -13.84 -19.53 14.84
C LEU C 37 -15.01 -20.39 14.36
N ALA C 38 -14.84 -21.03 13.18
CA ALA C 38 -15.82 -21.93 12.56
C ALA C 38 -16.10 -23.14 13.44
N SER C 39 -15.04 -23.70 14.08
CA SER C 39 -15.11 -24.84 15.00
C SER C 39 -15.96 -24.48 16.22
N ALA C 40 -15.82 -23.22 16.71
CA ALA C 40 -16.53 -22.69 17.88
C ALA C 40 -17.96 -22.17 17.57
N GLY C 41 -18.46 -22.47 16.37
CA GLY C 41 -19.81 -22.14 15.92
C GLY C 41 -19.99 -20.75 15.33
N PHE C 42 -18.89 -20.05 15.00
CA PHE C 42 -18.94 -18.70 14.47
C PHE C 42 -18.77 -18.60 12.95
N TYR C 43 -19.47 -17.62 12.34
CA TYR C 43 -19.39 -17.29 10.93
C TYR C 43 -19.21 -15.77 10.74
N TYR C 44 -18.52 -15.36 9.66
CA TYR C 44 -18.25 -13.95 9.37
C TYR C 44 -19.47 -13.26 8.75
N VAL C 45 -19.91 -12.13 9.36
CA VAL C 45 -21.07 -11.37 8.87
C VAL C 45 -20.69 -10.40 7.73
N GLY C 46 -19.40 -10.31 7.43
CA GLY C 46 -18.86 -9.49 6.35
C GLY C 46 -18.33 -8.11 6.69
N ARG C 47 -18.42 -7.71 7.99
CA ARG C 47 -17.97 -6.39 8.44
C ARG C 47 -16.92 -6.45 9.54
N ASN C 48 -15.73 -5.86 9.29
CA ASN C 48 -14.59 -5.79 10.21
C ASN C 48 -14.18 -7.20 10.71
N ASP C 49 -14.27 -7.46 12.03
CA ASP C 49 -13.95 -8.77 12.61
C ASP C 49 -15.17 -9.38 13.35
N ASP C 50 -16.38 -8.93 12.97
CA ASP C 50 -17.65 -9.37 13.57
C ASP C 50 -18.01 -10.80 13.20
N VAL C 51 -18.21 -11.65 14.20
CA VAL C 51 -18.63 -13.03 14.00
C VAL C 51 -19.92 -13.28 14.77
N LYS C 52 -20.75 -14.22 14.30
CA LYS C 52 -21.99 -14.58 14.97
C LYS C 52 -22.09 -16.08 15.13
N CYS C 53 -22.58 -16.54 16.29
CA CYS C 53 -22.80 -17.96 16.53
C CYS C 53 -24.07 -18.35 15.79
N PHE C 54 -24.03 -19.47 15.06
CA PHE C 54 -25.20 -19.94 14.31
C PHE C 54 -26.34 -20.44 15.21
N CYS C 55 -26.03 -20.84 16.46
CA CYS C 55 -27.00 -21.40 17.41
C CYS C 55 -27.62 -20.36 18.34
N CYS C 56 -26.80 -19.62 19.11
CA CYS C 56 -27.27 -18.65 20.10
C CYS C 56 -27.42 -17.22 19.55
N ASP C 57 -26.96 -16.96 18.30
CA ASP C 57 -26.97 -15.63 17.65
C ASP C 57 -26.01 -14.64 18.32
N GLY C 58 -25.19 -15.15 19.24
CA GLY C 58 -24.19 -14.38 19.95
C GLY C 58 -23.16 -13.79 19.02
N GLY C 59 -23.01 -12.47 19.07
CA GLY C 59 -22.08 -11.73 18.23
C GLY C 59 -20.83 -11.31 18.96
N LEU C 60 -19.65 -11.54 18.35
CA LEU C 60 -18.36 -11.19 18.95
C LEU C 60 -17.47 -10.40 18.00
N ARG C 61 -16.85 -9.34 18.53
CA ARG C 61 -15.96 -8.45 17.78
C ARG C 61 -14.70 -8.07 18.58
N CYS C 62 -13.82 -7.25 17.97
CA CYS C 62 -12.57 -6.75 18.54
C CYS C 62 -11.68 -7.87 19.12
N TRP C 63 -11.46 -8.93 18.32
CA TRP C 63 -10.63 -10.08 18.70
C TRP C 63 -9.17 -9.65 18.92
N GLU C 64 -8.58 -10.13 20.03
CA GLU C 64 -7.19 -9.84 20.42
C GLU C 64 -6.28 -11.05 20.16
N SER C 65 -4.96 -10.84 20.18
CA SER C 65 -3.97 -11.91 19.98
C SER C 65 -4.03 -12.87 21.16
N GLY C 66 -4.15 -14.17 20.87
CA GLY C 66 -4.26 -15.22 21.87
C GLY C 66 -5.68 -15.59 22.25
N ASP C 67 -6.69 -14.93 21.61
CA ASP C 67 -8.10 -15.20 21.88
C ASP C 67 -8.50 -16.59 21.41
N ASP C 68 -9.06 -17.39 22.34
CA ASP C 68 -9.57 -18.72 22.04
C ASP C 68 -11.07 -18.55 21.79
N PRO C 69 -11.57 -18.83 20.56
CA PRO C 69 -13.01 -18.62 20.27
C PRO C 69 -13.97 -19.38 21.18
N TRP C 70 -13.58 -20.58 21.65
CA TRP C 70 -14.35 -21.41 22.58
C TRP C 70 -14.45 -20.75 23.96
N VAL C 71 -13.35 -20.12 24.45
CA VAL C 71 -13.32 -19.45 25.76
C VAL C 71 -14.26 -18.21 25.75
N GLU C 72 -14.12 -17.35 24.71
CA GLU C 72 -14.93 -16.15 24.51
C GLU C 72 -16.42 -16.50 24.39
N HIS C 73 -16.74 -17.59 23.65
CA HIS C 73 -18.12 -18.07 23.49
C HIS C 73 -18.73 -18.37 24.87
N ALA C 74 -18.00 -19.10 25.72
CA ALA C 74 -18.42 -19.46 27.08
C ALA C 74 -18.39 -18.28 28.05
N LYS C 75 -17.56 -17.26 27.76
CA LYS C 75 -17.42 -16.06 28.58
C LYS C 75 -18.64 -15.14 28.42
N TRP C 76 -19.05 -14.86 27.17
CA TRP C 76 -20.13 -13.94 26.86
C TRP C 76 -21.48 -14.59 26.56
N PHE C 77 -21.47 -15.86 26.11
CA PHE C 77 -22.72 -16.58 25.81
C PHE C 77 -22.73 -17.96 26.52
N PRO C 78 -22.77 -17.99 27.88
CA PRO C 78 -22.73 -19.28 28.60
C PRO C 78 -23.94 -20.20 28.44
N ARG C 79 -25.11 -19.67 28.06
CA ARG C 79 -26.32 -20.46 27.91
C ARG C 79 -26.46 -21.16 26.54
N CYS C 80 -25.51 -20.91 25.60
CA CYS C 80 -25.53 -21.50 24.25
C CYS C 80 -25.61 -23.03 24.25
N GLU C 81 -26.70 -23.58 23.66
CA GLU C 81 -26.97 -25.03 23.54
C GLU C 81 -25.86 -25.78 22.83
N PHE C 82 -25.31 -25.19 21.75
CA PHE C 82 -24.21 -25.75 20.96
C PHE C 82 -22.94 -25.85 21.81
N LEU C 83 -22.61 -24.78 22.57
CA LEU C 83 -21.45 -24.71 23.44
C LEU C 83 -21.46 -25.77 24.55
N ILE C 84 -22.63 -25.97 25.21
CA ILE C 84 -22.83 -26.95 26.27
C ILE C 84 -22.71 -28.37 25.71
N ARG C 85 -23.31 -28.63 24.53
CA ARG C 85 -23.28 -29.94 23.89
C ARG C 85 -21.87 -30.37 23.45
N MET C 86 -21.07 -29.42 22.98
CA MET C 86 -19.71 -29.70 22.50
C MET C 86 -18.62 -29.69 23.56
N LYS C 87 -18.76 -28.83 24.58
CA LYS C 87 -17.75 -28.65 25.62
C LYS C 87 -18.17 -29.10 27.03
N GLY C 88 -19.46 -29.29 27.25
CA GLY C 88 -19.98 -29.71 28.54
C GLY C 88 -20.16 -28.55 29.51
N GLN C 89 -21.07 -28.72 30.49
CA GLN C 89 -21.38 -27.71 31.51
C GLN C 89 -20.17 -27.34 32.37
N GLU C 90 -19.32 -28.33 32.69
CA GLU C 90 -18.09 -28.18 33.49
C GLU C 90 -17.16 -27.09 32.92
N PHE C 91 -16.94 -27.09 31.58
CA PHE C 91 -16.11 -26.11 30.86
C PHE C 91 -16.71 -24.69 30.93
N VAL C 92 -18.04 -24.58 30.82
CA VAL C 92 -18.76 -23.30 30.84
C VAL C 92 -18.65 -22.60 32.20
N ASP C 93 -19.00 -23.33 33.29
CA ASP C 93 -18.94 -22.84 34.67
C ASP C 93 -17.50 -22.46 35.07
N GLU C 94 -16.50 -23.15 34.49
CA GLU C 94 -15.07 -22.92 34.71
C GLU C 94 -14.65 -21.54 34.19
N ILE C 95 -15.20 -21.12 33.02
CA ILE C 95 -14.93 -19.83 32.39
C ILE C 95 -15.68 -18.71 33.14
N GLN C 96 -16.89 -19.01 33.64
CA GLN C 96 -17.73 -18.08 34.42
C GLN C 96 -17.17 -17.85 35.84
N GLY C 97 -16.30 -18.76 36.30
CA GLY C 97 -15.66 -18.68 37.60
C GLY C 97 -14.24 -18.19 37.53
N GLY D 5 35.97 -24.78 -19.73
CA GLY D 5 34.83 -25.43 -20.34
C GLY D 5 33.83 -25.97 -19.34
N SER D 6 33.44 -25.14 -18.35
CA SER D 6 32.49 -25.48 -17.30
C SER D 6 31.10 -25.83 -17.85
N SER D 7 30.41 -26.77 -17.16
CA SER D 7 29.06 -27.20 -17.52
C SER D 7 27.97 -26.39 -16.80
N ILE D 8 28.22 -25.98 -15.53
CA ILE D 8 27.29 -25.22 -14.69
C ILE D 8 27.95 -23.90 -14.21
N SER D 9 27.21 -22.77 -14.28
CA SER D 9 27.71 -21.47 -13.82
C SER D 9 27.56 -21.29 -12.31
N ASN D 10 26.36 -21.52 -11.76
CA ASN D 10 26.08 -21.39 -10.34
C ASN D 10 25.63 -22.75 -9.79
N LEU D 11 26.56 -23.47 -9.17
CA LEU D 11 26.34 -24.80 -8.59
C LEU D 11 25.39 -24.80 -7.39
N SER D 12 25.34 -23.68 -6.63
CA SER D 12 24.44 -23.57 -5.47
C SER D 12 22.96 -23.49 -5.89
N MET D 13 22.72 -23.14 -7.17
CA MET D 13 21.39 -23.01 -7.76
C MET D 13 21.01 -24.17 -8.68
N GLN D 14 21.62 -25.35 -8.47
CA GLN D 14 21.38 -26.55 -9.28
C GLN D 14 20.01 -27.20 -9.07
N THR D 15 19.47 -27.14 -7.83
CA THR D 15 18.17 -27.75 -7.53
C THR D 15 17.02 -26.77 -7.71
N HIS D 16 15.83 -27.29 -7.99
CA HIS D 16 14.60 -26.51 -8.15
C HIS D 16 14.27 -25.79 -6.85
N ALA D 17 14.43 -26.49 -5.70
CA ALA D 17 14.15 -25.99 -4.34
C ALA D 17 15.05 -24.82 -3.93
N ALA D 18 16.33 -24.85 -4.33
CA ALA D 18 17.30 -23.79 -4.05
C ALA D 18 16.95 -22.55 -4.88
N ARG D 19 16.51 -22.75 -6.14
CA ARG D 19 16.10 -21.67 -7.03
C ARG D 19 14.76 -21.08 -6.56
N MET D 20 13.86 -21.90 -5.99
CA MET D 20 12.57 -21.43 -5.47
C MET D 20 12.71 -20.48 -4.29
N ARG D 21 13.68 -20.77 -3.38
CA ARG D 21 13.97 -20.01 -2.16
C ARG D 21 14.41 -18.56 -2.44
N THR D 22 15.03 -18.32 -3.61
CA THR D 22 15.49 -17.01 -4.06
C THR D 22 14.33 -16.05 -4.35
N PHE D 23 13.14 -16.60 -4.70
CA PHE D 23 11.94 -15.85 -5.04
C PHE D 23 11.06 -15.44 -3.84
N MET D 24 11.65 -15.30 -2.63
CA MET D 24 10.89 -14.88 -1.44
C MET D 24 10.51 -13.40 -1.52
N TYR D 25 11.42 -12.55 -2.02
CA TYR D 25 11.20 -11.10 -2.13
C TYR D 25 10.91 -10.67 -3.59
N TRP D 26 10.37 -11.61 -4.39
CA TRP D 26 9.96 -11.45 -5.78
C TRP D 26 8.79 -10.46 -5.83
N PRO D 27 8.91 -9.34 -6.59
CA PRO D 27 7.81 -8.34 -6.61
C PRO D 27 6.49 -8.89 -7.13
N SER D 28 5.37 -8.44 -6.50
CA SER D 28 3.99 -8.79 -6.87
C SER D 28 3.62 -8.25 -8.25
N SER D 29 4.26 -7.14 -8.67
CA SER D 29 4.08 -6.49 -9.99
C SER D 29 4.49 -7.41 -11.16
N VAL D 30 5.43 -8.37 -10.95
CA VAL D 30 5.89 -9.27 -12.01
C VAL D 30 4.77 -10.23 -12.43
N PRO D 31 4.35 -10.21 -13.72
CA PRO D 31 3.26 -11.11 -14.15
C PRO D 31 3.71 -12.51 -14.59
N VAL D 32 4.78 -13.03 -13.96
CA VAL D 32 5.33 -14.37 -14.22
C VAL D 32 5.58 -15.03 -12.86
N GLN D 33 5.14 -16.29 -12.70
CA GLN D 33 5.25 -17.01 -11.44
C GLN D 33 6.62 -17.63 -11.17
N PRO D 34 7.11 -17.52 -9.90
CA PRO D 34 8.40 -18.15 -9.54
C PRO D 34 8.56 -19.61 -9.93
N GLU D 35 7.51 -20.43 -9.77
CA GLU D 35 7.47 -21.87 -10.10
C GLU D 35 7.86 -22.12 -11.58
N GLN D 36 7.28 -21.33 -12.51
CA GLN D 36 7.53 -21.40 -13.94
C GLN D 36 8.95 -20.98 -14.30
N LEU D 37 9.53 -20.07 -13.52
CA LEU D 37 10.88 -19.55 -13.73
C LEU D 37 11.93 -20.51 -13.19
N ALA D 38 11.70 -21.06 -11.98
CA ALA D 38 12.58 -22.04 -11.34
C ALA D 38 12.63 -23.34 -12.16
N SER D 39 11.48 -23.75 -12.77
CA SER D 39 11.35 -24.95 -13.62
C SER D 39 12.19 -24.83 -14.88
N ALA D 40 12.35 -23.60 -15.39
CA ALA D 40 13.11 -23.31 -16.60
C ALA D 40 14.61 -23.02 -16.34
N GLY D 41 15.06 -23.22 -15.09
CA GLY D 41 16.45 -23.04 -14.67
C GLY D 41 16.82 -21.69 -14.09
N PHE D 42 15.83 -20.79 -13.90
CA PHE D 42 16.07 -19.42 -13.43
C PHE D 42 15.88 -19.19 -11.93
N TYR D 43 16.70 -18.29 -11.37
CA TYR D 43 16.68 -17.86 -9.96
C TYR D 43 16.76 -16.33 -9.86
N TYR D 44 16.09 -15.75 -8.85
CA TYR D 44 16.04 -14.30 -8.60
C TYR D 44 17.37 -13.77 -8.05
N VAL D 45 17.92 -12.72 -8.68
CA VAL D 45 19.19 -12.13 -8.21
C VAL D 45 18.97 -11.00 -7.16
N GLY D 46 17.70 -10.66 -6.90
CA GLY D 46 17.32 -9.68 -5.88
C GLY D 46 16.99 -8.27 -6.33
N ARG D 47 17.17 -7.95 -7.63
CA ARG D 47 16.87 -6.62 -8.18
C ARG D 47 15.80 -6.69 -9.25
N ASN D 48 14.75 -5.86 -9.10
CA ASN D 48 13.60 -5.73 -10.01
C ASN D 48 13.00 -7.10 -10.36
N ASP D 49 13.11 -7.54 -11.64
CA ASP D 49 12.62 -8.85 -12.08
C ASP D 49 13.75 -9.66 -12.75
N ASP D 50 15.00 -9.36 -12.37
CA ASP D 50 16.21 -9.99 -12.90
C ASP D 50 16.40 -11.43 -12.45
N VAL D 51 16.44 -12.32 -13.42
CA VAL D 51 16.68 -13.75 -13.19
C VAL D 51 17.90 -14.17 -14.00
N LYS D 52 18.59 -15.21 -13.53
CA LYS D 52 19.75 -15.80 -14.21
C LYS D 52 19.57 -17.30 -14.24
N CYS D 53 20.03 -17.96 -15.31
CA CYS D 53 19.96 -19.40 -15.44
C CYS D 53 21.17 -19.97 -14.72
N PHE D 54 20.95 -20.98 -13.86
CA PHE D 54 22.05 -21.61 -13.11
C PHE D 54 23.11 -22.27 -13.99
N CYS D 55 22.71 -22.74 -15.20
CA CYS D 55 23.58 -23.45 -16.12
C CYS D 55 24.27 -22.55 -17.13
N CYS D 56 23.53 -21.75 -17.92
CA CYS D 56 24.16 -20.92 -18.94
C CYS D 56 24.53 -19.50 -18.47
N ASP D 57 24.21 -19.12 -17.20
CA ASP D 57 24.44 -17.77 -16.61
C ASP D 57 23.68 -16.64 -17.33
N GLY D 58 22.78 -17.03 -18.23
CA GLY D 58 21.97 -16.10 -19.02
C GLY D 58 20.97 -15.33 -18.18
N GLY D 59 21.04 -14.01 -18.30
CA GLY D 59 20.15 -13.10 -17.58
C GLY D 59 18.95 -12.67 -18.39
N LEU D 60 17.77 -12.63 -17.76
CA LEU D 60 16.51 -12.21 -18.39
C LEU D 60 15.72 -11.28 -17.50
N ARG D 61 15.35 -10.11 -18.03
CA ARG D 61 14.58 -9.07 -17.33
C ARG D 61 13.38 -8.57 -18.14
N CYS D 62 12.60 -7.61 -17.56
CA CYS D 62 11.42 -6.97 -18.16
C CYS D 62 10.38 -7.98 -18.66
N TRP D 63 9.96 -8.88 -17.76
CA TRP D 63 8.98 -9.92 -18.03
C TRP D 63 7.60 -9.34 -18.27
N GLU D 64 6.95 -9.76 -19.37
CA GLU D 64 5.64 -9.30 -19.80
C GLU D 64 4.59 -10.39 -19.61
N SER D 65 3.30 -10.00 -19.45
CA SER D 65 2.18 -10.92 -19.25
C SER D 65 2.09 -11.97 -20.38
N GLY D 66 1.97 -13.25 -20.00
CA GLY D 66 1.86 -14.36 -20.94
C GLY D 66 3.18 -14.94 -21.40
N ASP D 67 4.31 -14.45 -20.85
CA ASP D 67 5.64 -14.95 -21.19
C ASP D 67 5.81 -16.36 -20.67
N ASP D 68 6.45 -17.21 -21.48
CA ASP D 68 6.76 -18.58 -21.10
C ASP D 68 8.26 -18.57 -20.83
N PRO D 69 8.70 -18.87 -19.58
CA PRO D 69 10.15 -18.87 -19.27
C PRO D 69 10.97 -19.83 -20.14
N TRP D 70 10.37 -20.98 -20.60
CA TRP D 70 11.01 -21.96 -21.49
C TRP D 70 11.19 -21.38 -22.90
N VAL D 71 10.17 -20.67 -23.42
CA VAL D 71 10.21 -20.02 -24.74
C VAL D 71 11.27 -18.90 -24.76
N GLU D 72 11.33 -18.08 -23.69
CA GLU D 72 12.30 -16.99 -23.55
C GLU D 72 13.73 -17.53 -23.50
N HIS D 73 13.91 -18.68 -22.80
CA HIS D 73 15.18 -19.37 -22.66
C HIS D 73 15.71 -19.83 -24.02
N ALA D 74 14.84 -20.43 -24.85
CA ALA D 74 15.16 -20.92 -26.19
C ALA D 74 15.41 -19.78 -27.17
N LYS D 75 14.69 -18.66 -27.00
CA LYS D 75 14.75 -17.45 -27.82
C LYS D 75 16.07 -16.71 -27.64
N TRP D 76 16.48 -16.49 -26.38
CA TRP D 76 17.66 -15.70 -26.05
C TRP D 76 18.94 -16.50 -25.76
N PHE D 77 18.84 -17.70 -25.17
CA PHE D 77 20.01 -18.53 -24.88
C PHE D 77 19.83 -19.93 -25.51
N PRO D 78 19.86 -20.03 -26.88
CA PRO D 78 19.62 -21.33 -27.51
C PRO D 78 20.66 -22.42 -27.22
N ARG D 79 21.91 -22.02 -26.94
CA ARG D 79 23.02 -22.94 -26.65
C ARG D 79 23.02 -23.53 -25.24
N CYS D 80 22.06 -23.11 -24.35
CA CYS D 80 22.01 -23.63 -22.98
C CYS D 80 21.86 -25.16 -22.96
N GLU D 81 22.80 -25.82 -22.27
CA GLU D 81 22.87 -27.28 -22.10
C GLU D 81 21.68 -27.83 -21.31
N PHE D 82 21.17 -27.04 -20.34
CA PHE D 82 20.03 -27.41 -19.51
C PHE D 82 18.75 -27.35 -20.34
N LEU D 83 18.56 -26.26 -21.11
CA LEU D 83 17.42 -26.06 -22.00
C LEU D 83 17.33 -27.19 -23.04
N ILE D 84 18.46 -27.53 -23.71
CA ILE D 84 18.54 -28.59 -24.71
C ILE D 84 18.26 -29.97 -24.08
N ARG D 85 18.82 -30.25 -22.88
CA ARG D 85 18.62 -31.52 -22.17
C ARG D 85 17.18 -31.73 -21.72
N MET D 86 16.52 -30.68 -21.23
CA MET D 86 15.15 -30.78 -20.72
C MET D 86 14.07 -30.71 -21.80
N LYS D 87 14.29 -29.89 -22.83
CA LYS D 87 13.30 -29.65 -23.88
C LYS D 87 13.62 -30.24 -25.26
N GLY D 88 14.88 -30.61 -25.51
CA GLY D 88 15.28 -31.17 -26.79
C GLY D 88 15.65 -30.10 -27.81
N GLN D 89 16.57 -30.45 -28.73
CA GLN D 89 17.06 -29.57 -29.80
C GLN D 89 15.95 -29.09 -30.73
N GLU D 90 14.92 -29.94 -30.97
CA GLU D 90 13.78 -29.65 -31.82
C GLU D 90 13.04 -28.39 -31.35
N PHE D 91 12.63 -28.34 -30.06
CA PHE D 91 11.92 -27.23 -29.42
C PHE D 91 12.71 -25.91 -29.56
N VAL D 92 14.03 -25.96 -29.35
CA VAL D 92 14.96 -24.83 -29.43
C VAL D 92 15.02 -24.24 -30.85
N ASP D 93 15.20 -25.10 -31.88
CA ASP D 93 15.31 -24.71 -33.29
C ASP D 93 13.98 -24.18 -33.86
N GLU D 94 12.84 -24.55 -33.25
CA GLU D 94 11.51 -24.10 -33.67
C GLU D 94 11.25 -22.66 -33.19
N ILE D 95 11.77 -22.31 -31.99
CA ILE D 95 11.67 -20.98 -31.38
C ILE D 95 12.63 -20.04 -32.15
N GLN D 96 13.84 -20.53 -32.50
CA GLN D 96 14.85 -19.80 -33.24
C GLN D 96 14.44 -19.62 -34.70
#